data_8Y2M
#
_entry.id   8Y2M
#
_cell.length_a   1.00
_cell.length_b   1.00
_cell.length_c   1.00
_cell.angle_alpha   90.00
_cell.angle_beta   90.00
_cell.angle_gamma   90.00
#
_symmetry.space_group_name_H-M   'P 1'
#
loop_
_entity.id
_entity.type
_entity.pdbx_description
1 polymer 'Ceramide synthase LAC1'
2 polymer 'Ceramide synthase subunit LIP1'
3 non-polymer '(4S,7R)-4-HYDROXY-N,N,N-TRIMETHYL-9-OXO-7-[(PALMITOYLOXY)METHYL]-3,5,8-TRIOXA-4-PHOSPHAHEXACOSAN-1-AMINIUM 4-OXIDE'
4 non-polymer '(2~{R})-2-[2-[(5~{R},6~{R},7~{S},9~{S},11~{R},16~{R},18~{S},19~{S})-19-azanyl-6-[(3~{R})-3-carboxy-5-oxidanyl-5-oxidanylidene-pentanoyl]oxy-5,9-dimethyl-11,16,18-tris(oxidanyl)icosan-7-yl]oxy-2-oxidanylidene-ethyl]butanedioic acid'
5 non-polymer 'hexacosanoic acid'
#
loop_
_entity_poly.entity_id
_entity_poly.type
_entity_poly.pdbx_seq_one_letter_code
_entity_poly.pdbx_strand_id
1 'polypeptide(L)'
;MSTIKPSPSNNNLKVRSRPRRKSSIGKIDLGDTVPSLGTMFETKESKTAAKRRMQRLSEATKNDSDLVKKIWFSFREISY
RHAWIAPLMILIAVYSAYFTSGNTTKTNVLHRFVAVSYQIGDTNAYGKGINDLCFVFYYMIFFTFLREFLMDVVIRPFAI
RLHVTSKHRIKRIMEQMYAIFYTGVSGPFGIYCMYHSDLWFFNTKAMYRTYPDFTNPFLFKVFYLGQAAFWAQQACILVL
QLEKPRKDHNELTFHHIVTLLLIWSSYVFHFTKMGLPIYITMDVSDFLLSFSKTLNYLDSGLAFFSFAIFVVAWIYLRHY
INLKILWSVLTQFRTEGNYVLNFATQQYKCWISLPIVFVLIGALQLVNLYWLFLIFRVLYRILWRGILKDDRSDSESDEE
SDESSTTPTDSTPTKKDILEDYKDDDDK
;
A,C
2 'polypeptide(L)'
;MSQPTPIITTKSAAKPKPKIFNLFRVCFISLLLIAAVEYFKYGTRINYEWFHCTPIKEPQSGSVIKLWARGGPSCDKRGE
YKTIVKRITRDYEPNDEHLSFCIIENDNVPPVHYPIHEDKGEPGYVAYVGYDTDSELVQELCADSTIYHM
;
B,D
#
# COMPACT_ATOMS: atom_id res chain seq x y z
N ILE A 71 26.60 16.01 37.63
CA ILE A 71 26.49 14.61 38.03
C ILE A 71 26.12 13.76 36.82
N TRP A 72 25.69 14.44 35.75
CA TRP A 72 25.35 13.74 34.51
C TRP A 72 26.57 13.01 33.94
N PHE A 73 27.72 13.67 33.98
CA PHE A 73 28.98 13.05 33.57
C PHE A 73 29.38 11.88 34.46
N SER A 74 29.21 12.00 35.78
CA SER A 74 29.50 10.88 36.67
C SER A 74 28.51 9.73 36.45
N PHE A 75 27.24 10.05 36.18
CA PHE A 75 26.28 9.01 35.86
C PHE A 75 26.65 8.29 34.56
N ARG A 76 27.10 9.04 33.55
CA ARG A 76 27.61 8.42 32.34
C ARG A 76 28.85 7.57 32.60
N GLU A 77 29.73 8.01 33.50
CA GLU A 77 30.89 7.21 33.87
C GLU A 77 30.50 5.90 34.53
N ILE A 78 29.51 5.94 35.43
CA ILE A 78 29.06 4.71 36.07
C ILE A 78 28.32 3.83 35.06
N SER A 79 27.67 4.44 34.07
CA SER A 79 27.04 3.68 33.01
C SER A 79 28.04 3.13 32.01
N TYR A 80 29.27 3.65 32.02
CA TYR A 80 30.36 3.07 31.27
C TYR A 80 31.10 1.98 32.05
N ARG A 81 31.16 2.08 33.38
CA ARG A 81 31.71 1.01 34.19
C ARG A 81 30.73 -0.13 34.42
N HIS A 82 29.45 0.09 34.12
CA HIS A 82 28.45 -0.97 34.12
C HIS A 82 27.72 -0.95 32.78
N ALA A 83 26.66 -1.74 32.64
CA ALA A 83 25.86 -1.67 31.42
C ALA A 83 24.37 -1.79 31.71
N TRP A 84 24.02 -1.88 32.99
CA TRP A 84 22.65 -2.11 33.42
C TRP A 84 22.03 -0.92 34.12
N ILE A 85 22.81 0.14 34.32
CA ILE A 85 22.31 1.29 35.08
C ILE A 85 21.16 1.96 34.35
N ALA A 86 21.31 2.20 33.04
CA ALA A 86 20.29 2.92 32.31
C ALA A 86 19.02 2.10 32.11
N PRO A 87 19.09 0.84 31.63
CA PRO A 87 17.85 0.03 31.60
C PRO A 87 17.22 -0.14 32.96
N LEU A 88 18.04 -0.28 34.01
CA LEU A 88 17.48 -0.36 35.35
C LEU A 88 16.70 0.90 35.70
N MET A 89 17.26 2.07 35.39
CA MET A 89 16.55 3.31 35.67
C MET A 89 15.25 3.38 34.89
N ILE A 90 15.28 2.99 33.61
CA ILE A 90 14.08 3.08 32.77
C ILE A 90 12.97 2.23 33.37
N LEU A 91 13.27 0.96 33.65
CA LEU A 91 12.23 0.07 34.13
C LEU A 91 11.84 0.34 35.58
N ILE A 92 12.75 0.80 36.43
CA ILE A 92 12.37 1.13 37.79
C ILE A 92 11.49 2.38 37.81
N ALA A 93 11.76 3.34 36.92
CA ALA A 93 10.88 4.50 36.81
C ALA A 93 9.51 4.09 36.34
N VAL A 94 9.43 3.22 35.32
CA VAL A 94 8.13 2.77 34.83
C VAL A 94 7.36 2.06 35.93
N TYR A 95 8.02 1.13 36.64
CA TYR A 95 7.35 0.39 37.70
C TYR A 95 6.92 1.30 38.85
N SER A 96 7.79 2.22 39.28
CA SER A 96 7.43 3.10 40.39
C SER A 96 6.26 4.01 40.02
N ALA A 97 6.30 4.58 38.82
CA ALA A 97 5.20 5.43 38.37
C ALA A 97 3.89 4.64 38.30
N TYR A 98 3.97 3.41 37.79
CA TYR A 98 2.76 2.59 37.70
C TYR A 98 2.23 2.23 39.08
N PHE A 99 3.13 1.91 40.02
CA PHE A 99 2.69 1.42 41.32
C PHE A 99 2.41 2.54 42.30
N THR A 100 2.66 3.80 41.91
CA THR A 100 2.10 4.90 42.69
C THR A 100 0.58 4.74 42.70
N SER A 101 -0.03 4.88 43.87
CA SER A 101 -1.42 4.50 44.10
C SER A 101 -2.34 5.06 43.02
N GLY A 102 -3.40 4.33 42.71
CA GLY A 102 -4.27 4.71 41.61
C GLY A 102 -5.04 3.50 41.11
N ASN A 103 -5.01 3.29 39.81
CA ASN A 103 -5.67 2.15 39.20
C ASN A 103 -4.62 1.24 38.58
N THR A 104 -4.36 0.11 39.24
CA THR A 104 -3.44 -0.91 38.73
C THR A 104 -4.22 -1.89 37.86
N THR A 105 -4.99 -1.33 36.93
CA THR A 105 -5.88 -2.11 36.08
C THR A 105 -5.69 -1.66 34.63
N LYS A 106 -6.60 -2.12 33.77
CA LYS A 106 -6.44 -1.96 32.33
C LYS A 106 -6.57 -0.52 31.87
N THR A 107 -6.99 0.38 32.75
CA THR A 107 -7.15 1.80 32.43
C THR A 107 -5.87 2.53 32.85
N ASN A 108 -4.77 2.20 32.19
CA ASN A 108 -3.48 2.84 32.43
C ASN A 108 -2.49 2.45 31.34
N VAL A 109 -1.79 3.43 30.75
CA VAL A 109 -0.81 3.12 29.72
C VAL A 109 0.33 2.27 30.28
N LEU A 110 0.79 2.59 31.49
CA LEU A 110 1.83 1.78 32.09
C LEU A 110 1.37 0.35 32.30
N HIS A 111 0.05 0.14 32.47
CA HIS A 111 -0.43 -1.24 32.56
C HIS A 111 -0.29 -1.96 31.23
N ARG A 112 -0.57 -1.29 30.12
CA ARG A 112 -0.34 -1.93 28.82
C ARG A 112 1.14 -2.17 28.61
N PHE A 113 1.99 -1.43 29.33
CA PHE A 113 3.43 -1.65 29.25
C PHE A 113 3.99 -2.54 30.35
N VAL A 114 3.17 -3.07 31.26
CA VAL A 114 3.73 -3.83 32.37
C VAL A 114 3.09 -5.20 32.49
N ALA A 115 1.93 -5.39 31.86
CA ALA A 115 1.15 -6.59 32.07
C ALA A 115 0.46 -6.98 30.77
N VAL A 116 0.00 -8.22 30.71
CA VAL A 116 -0.76 -8.70 29.57
C VAL A 116 -2.18 -8.15 29.67
N SER A 117 -2.66 -7.56 28.58
CA SER A 117 -3.93 -6.87 28.53
C SER A 117 -4.98 -7.78 27.91
N TYR A 118 -6.16 -7.22 27.66
CA TYR A 118 -7.25 -7.87 26.95
C TYR A 118 -7.76 -9.12 27.66
N GLN A 119 -7.83 -9.12 28.97
CA GLN A 119 -8.48 -10.21 29.68
C GLN A 119 -9.97 -10.23 29.35
N ILE A 120 -10.42 -11.30 28.71
CA ILE A 120 -11.80 -11.39 28.25
C ILE A 120 -12.71 -11.67 29.44
N GLY A 121 -13.68 -10.79 29.67
CA GLY A 121 -14.54 -10.89 30.83
C GLY A 121 -13.75 -10.82 32.13
N ASP A 122 -13.93 -11.81 32.98
CA ASP A 122 -13.14 -11.92 34.20
C ASP A 122 -12.66 -13.36 34.38
N THR A 123 -12.12 -13.94 33.30
CA THR A 123 -11.73 -15.35 33.30
C THR A 123 -10.26 -15.49 32.91
N ASN A 124 -9.84 -16.71 32.59
CA ASN A 124 -8.43 -17.01 32.31
C ASN A 124 -8.22 -17.07 30.80
N ALA A 125 -8.84 -16.14 30.09
CA ALA A 125 -8.68 -16.03 28.64
C ALA A 125 -8.21 -14.62 28.31
N TYR A 126 -7.27 -14.50 27.38
CA TYR A 126 -6.64 -13.23 27.03
C TYR A 126 -6.63 -13.03 25.52
N GLY A 127 -7.05 -11.85 25.08
CA GLY A 127 -7.05 -11.51 23.68
C GLY A 127 -5.74 -10.88 23.23
N LYS A 128 -5.74 -10.45 21.97
CA LYS A 128 -4.54 -9.88 21.36
C LYS A 128 -4.76 -8.40 21.04
N GLY A 129 -3.71 -7.71 20.65
CA GLY A 129 -3.81 -6.29 20.32
C GLY A 129 -2.43 -5.67 20.23
N ILE A 130 -2.42 -4.34 20.22
CA ILE A 130 -1.17 -3.58 20.12
C ILE A 130 -0.47 -3.53 21.47
N ASN A 131 -1.25 -3.64 22.55
CA ASN A 131 -0.67 -3.65 23.88
C ASN A 131 0.28 -4.82 24.02
N ASP A 132 0.09 -5.84 23.18
CA ASP A 132 1.03 -6.95 23.13
C ASP A 132 2.40 -6.48 22.66
N LEU A 133 2.45 -5.67 21.60
CA LEU A 133 3.72 -5.12 21.14
C LEU A 133 4.33 -4.20 22.18
N CYS A 134 3.50 -3.39 22.86
CA CYS A 134 4.03 -2.54 23.93
C CYS A 134 4.66 -3.37 25.03
N PHE A 135 3.98 -4.44 25.44
CA PHE A 135 4.51 -5.38 26.43
C PHE A 135 5.83 -5.98 25.98
N VAL A 136 5.89 -6.44 24.73
CA VAL A 136 7.10 -7.08 24.20
C VAL A 136 8.28 -6.12 24.24
N PHE A 137 8.06 -4.89 23.79
CA PHE A 137 9.18 -3.95 23.75
C PHE A 137 9.61 -3.52 25.15
N TYR A 138 8.65 -3.31 26.05
CA TYR A 138 9.05 -2.98 27.42
C TYR A 138 9.85 -4.11 28.04
N TYR A 139 9.54 -5.36 27.70
CA TYR A 139 10.28 -6.43 28.33
C TYR A 139 11.58 -6.73 27.59
N MET A 140 11.72 -6.27 26.35
CA MET A 140 13.07 -6.17 25.77
C MET A 140 13.93 -5.23 26.59
N ILE A 141 13.37 -4.07 26.93
CA ILE A 141 14.05 -3.11 27.81
C ILE A 141 14.42 -3.78 29.12
N PHE A 142 13.48 -4.53 29.70
CA PHE A 142 13.74 -5.24 30.94
C PHE A 142 14.82 -6.32 30.80
N PHE A 143 14.75 -7.16 29.78
CA PHE A 143 15.67 -8.27 29.62
C PHE A 143 17.08 -7.83 29.27
N THR A 144 17.26 -6.61 28.75
CA THR A 144 18.60 -6.03 28.74
C THR A 144 19.19 -5.84 30.13
N PHE A 145 18.35 -5.40 31.07
CA PHE A 145 18.76 -5.23 32.44
C PHE A 145 19.04 -6.58 33.13
N LEU A 146 18.27 -7.62 32.80
CA LEU A 146 18.51 -8.91 33.43
C LEU A 146 19.84 -9.49 32.97
N ARG A 147 20.10 -9.41 31.67
CA ARG A 147 21.36 -9.91 31.14
C ARG A 147 22.55 -9.15 31.68
N GLU A 148 22.53 -7.81 31.61
CA GLU A 148 23.72 -7.08 32.05
C GLU A 148 23.99 -7.28 33.53
N PHE A 149 22.94 -7.20 34.36
CA PHE A 149 23.10 -7.35 35.79
C PHE A 149 23.62 -8.74 36.14
N LEU A 150 22.95 -9.79 35.67
CA LEU A 150 23.45 -11.13 35.96
C LEU A 150 24.85 -11.33 35.41
N MET A 151 25.05 -11.06 34.12
CA MET A 151 26.35 -11.27 33.49
C MET A 151 27.46 -10.67 34.34
N ASP A 152 27.48 -9.34 34.49
CA ASP A 152 28.57 -8.77 35.27
C ASP A 152 28.54 -9.25 36.71
N VAL A 153 27.50 -8.83 37.46
CA VAL A 153 27.55 -8.87 38.91
C VAL A 153 27.71 -10.29 39.42
N VAL A 154 27.14 -11.27 38.72
CA VAL A 154 27.24 -12.65 39.19
C VAL A 154 28.27 -13.45 38.41
N ILE A 155 28.21 -13.46 37.07
CA ILE A 155 29.02 -14.40 36.32
C ILE A 155 30.48 -13.96 36.18
N ARG A 156 30.82 -12.71 36.57
CA ARG A 156 32.27 -12.49 36.60
C ARG A 156 32.87 -13.05 37.88
N PRO A 157 32.24 -12.87 39.06
CA PRO A 157 32.74 -13.58 40.24
C PRO A 157 32.80 -15.10 40.09
N PHE A 158 31.84 -15.72 39.42
CA PHE A 158 31.93 -17.17 39.22
C PHE A 158 32.95 -17.52 38.14
N ALA A 159 33.50 -16.51 37.45
CA ALA A 159 34.58 -16.76 36.51
C ALA A 159 35.94 -16.48 37.11
N ILE A 160 36.00 -15.69 38.19
CA ILE A 160 37.28 -15.35 38.83
C ILE A 160 37.51 -16.13 40.12
N ARG A 161 36.51 -16.25 40.98
CA ARG A 161 36.61 -16.98 42.24
C ARG A 161 36.88 -18.46 42.03
N LEU A 162 36.63 -18.97 40.81
CA LEU A 162 37.08 -20.29 40.41
C LEU A 162 38.20 -20.08 39.41
N HIS A 163 39.32 -20.78 39.61
CA HIS A 163 40.52 -20.55 38.82
C HIS A 163 40.29 -20.86 37.34
N VAL A 164 40.27 -19.82 36.51
CA VAL A 164 40.19 -19.95 35.06
C VAL A 164 41.18 -18.95 34.47
N THR A 165 41.99 -19.42 33.52
CA THR A 165 43.07 -18.60 33.01
C THR A 165 43.09 -18.61 31.49
N SER A 166 42.30 -17.71 30.89
CA SER A 166 42.35 -17.43 29.45
C SER A 166 41.39 -16.29 29.10
N LYS A 167 41.34 -15.92 27.83
CA LYS A 167 40.42 -14.89 27.36
C LYS A 167 39.16 -15.45 26.72
N HIS A 168 39.31 -16.27 25.68
CA HIS A 168 38.15 -16.95 25.09
C HIS A 168 37.49 -17.86 26.10
N ARG A 169 38.30 -18.48 26.96
CA ARG A 169 37.80 -19.38 27.99
C ARG A 169 36.85 -18.66 28.95
N ILE A 170 37.25 -17.48 29.42
CA ILE A 170 36.41 -16.73 30.34
C ILE A 170 35.23 -16.07 29.63
N LYS A 171 35.41 -15.55 28.42
CA LYS A 171 34.28 -14.98 27.70
C LYS A 171 33.19 -16.02 27.46
N ARG A 172 33.56 -17.18 26.92
CA ARG A 172 32.59 -18.22 26.66
C ARG A 172 32.08 -18.90 27.93
N ILE A 173 32.85 -18.86 29.03
CA ILE A 173 32.34 -19.40 30.27
C ILE A 173 31.28 -18.48 30.84
N MET A 174 31.40 -17.16 30.65
CA MET A 174 30.33 -16.27 31.04
C MET A 174 29.10 -16.49 30.16
N GLU A 175 29.31 -16.60 28.85
CA GLU A 175 28.18 -16.78 27.94
C GLU A 175 27.42 -18.07 28.25
N GLN A 176 28.14 -19.17 28.45
CA GLN A 176 27.49 -20.46 28.70
C GLN A 176 26.77 -20.51 30.04
N MET A 177 27.31 -19.89 31.09
CA MET A 177 26.58 -19.88 32.35
C MET A 177 25.37 -18.95 32.31
N TYR A 178 25.42 -17.83 31.58
CA TYR A 178 24.19 -17.08 31.40
C TYR A 178 23.16 -17.87 30.61
N ALA A 179 23.62 -18.62 29.60
CA ALA A 179 22.72 -19.49 28.88
C ALA A 179 22.08 -20.51 29.81
N ILE A 180 22.89 -21.13 30.68
CA ILE A 180 22.36 -22.03 31.68
C ILE A 180 21.28 -21.34 32.49
N PHE A 181 21.53 -20.12 32.94
CA PHE A 181 20.54 -19.45 33.79
C PHE A 181 19.22 -19.24 33.06
N TYR A 182 19.22 -18.48 31.96
CA TYR A 182 17.90 -18.15 31.39
C TYR A 182 17.24 -19.40 30.85
N THR A 183 18.02 -20.32 30.29
CA THR A 183 17.46 -21.51 29.68
C THR A 183 16.88 -22.47 30.70
N GLY A 184 17.52 -22.62 31.87
CA GLY A 184 16.94 -23.43 32.92
C GLY A 184 15.83 -22.73 33.67
N VAL A 185 15.67 -21.42 33.43
CA VAL A 185 14.47 -20.75 33.92
C VAL A 185 13.31 -20.96 32.95
N SER A 186 13.58 -20.91 31.65
CA SER A 186 12.50 -21.01 30.66
C SER A 186 12.11 -22.43 30.34
N GLY A 187 12.92 -23.43 30.70
CA GLY A 187 12.57 -24.81 30.46
C GLY A 187 11.45 -25.29 31.34
N PRO A 188 11.70 -25.34 32.66
CA PRO A 188 10.66 -25.76 33.60
C PRO A 188 9.38 -24.95 33.55
N PHE A 189 9.45 -23.65 33.23
CA PHE A 189 8.21 -22.89 33.08
C PHE A 189 7.41 -23.36 31.88
N GLY A 190 8.08 -23.66 30.77
CA GLY A 190 7.37 -24.23 29.63
C GLY A 190 6.77 -25.59 29.93
N ILE A 191 7.53 -26.43 30.64
CA ILE A 191 7.00 -27.73 31.04
C ILE A 191 5.79 -27.59 31.96
N TYR A 192 5.84 -26.68 32.93
CA TYR A 192 4.70 -26.44 33.79
C TYR A 192 3.50 -25.95 32.99
N CYS A 193 3.72 -25.03 32.07
CA CYS A 193 2.62 -24.53 31.25
C CYS A 193 1.98 -25.66 30.45
N MET A 194 2.79 -26.58 29.94
CA MET A 194 2.24 -27.74 29.24
C MET A 194 1.64 -28.76 30.19
N TYR A 195 1.96 -28.70 31.48
CA TYR A 195 1.50 -29.72 32.41
C TYR A 195 0.01 -29.54 32.70
N HIS A 196 -0.37 -28.38 33.23
CA HIS A 196 -1.77 -28.13 33.53
C HIS A 196 -2.51 -27.71 32.26
N SER A 197 -2.39 -28.50 31.21
CA SER A 197 -3.10 -28.26 29.96
C SER A 197 -3.39 -29.63 29.34
N ASP A 198 -4.23 -29.64 28.31
CA ASP A 198 -4.59 -30.87 27.63
C ASP A 198 -3.51 -31.34 26.66
N LEU A 199 -2.33 -30.71 26.68
CA LEU A 199 -1.21 -31.07 25.83
C LEU A 199 -0.25 -32.05 26.50
N TRP A 200 -0.57 -32.55 27.69
CA TRP A 200 0.41 -33.17 28.58
C TRP A 200 1.24 -34.26 27.92
N PHE A 201 2.56 -34.19 28.12
CA PHE A 201 3.55 -34.97 27.40
C PHE A 201 3.28 -34.97 25.89
N PHE A 202 3.29 -33.78 25.30
CA PHE A 202 3.28 -33.62 23.86
C PHE A 202 2.13 -34.39 23.21
N ASN A 203 0.91 -34.01 23.54
CA ASN A 203 -0.29 -34.60 22.95
C ASN A 203 -0.59 -33.86 21.66
N THR A 204 -0.38 -34.53 20.55
CA THR A 204 -0.49 -33.92 19.23
C THR A 204 -1.92 -33.67 18.80
N LYS A 205 -2.95 -34.06 19.54
CA LYS A 205 -4.33 -33.80 19.17
C LYS A 205 -4.90 -32.57 19.84
N ALA A 206 -4.43 -32.21 21.03
CA ALA A 206 -4.87 -30.99 21.68
C ALA A 206 -4.31 -29.76 20.98
N MET A 207 -3.34 -29.97 20.10
CA MET A 207 -2.75 -28.92 19.28
C MET A 207 -3.80 -28.38 18.30
N TYR A 208 -4.64 -29.27 17.78
CA TYR A 208 -5.58 -28.94 16.72
C TYR A 208 -7.04 -29.12 17.10
N ARG A 209 -7.34 -29.63 18.30
CA ARG A 209 -8.74 -29.87 18.66
C ARG A 209 -9.56 -28.58 18.54
N THR A 210 -9.25 -27.59 19.35
CA THR A 210 -9.90 -26.28 19.28
C THR A 210 -8.90 -25.29 18.69
N TYR A 211 -8.89 -25.18 17.36
CA TYR A 211 -7.80 -24.45 16.72
C TYR A 211 -7.81 -22.95 17.01
N PRO A 212 -8.85 -22.19 16.59
CA PRO A 212 -8.65 -20.75 16.38
C PRO A 212 -8.05 -19.99 17.57
N ASP A 213 -8.23 -20.52 18.78
CA ASP A 213 -7.50 -20.07 19.97
C ASP A 213 -7.27 -18.56 20.03
N PHE A 214 -8.32 -17.76 19.89
CA PHE A 214 -8.16 -16.32 20.04
C PHE A 214 -7.75 -15.94 21.45
N THR A 215 -7.90 -16.84 22.42
CA THR A 215 -7.69 -16.54 23.82
C THR A 215 -6.65 -17.49 24.38
N ASN A 216 -5.66 -16.96 25.07
CA ASN A 216 -4.62 -17.74 25.71
C ASN A 216 -4.63 -17.52 27.22
N PRO A 217 -4.28 -18.54 28.00
CA PRO A 217 -4.22 -18.37 29.46
C PRO A 217 -3.15 -17.38 29.86
N PHE A 218 -3.13 -17.07 31.15
CA PHE A 218 -2.21 -16.05 31.66
C PHE A 218 -0.76 -16.51 31.56
N LEU A 219 -0.45 -17.66 32.16
CA LEU A 219 0.92 -18.16 32.12
C LEU A 219 1.38 -18.44 30.70
N PHE A 220 0.47 -18.95 29.87
CA PHE A 220 0.79 -19.32 28.50
C PHE A 220 1.06 -18.09 27.64
N LYS A 221 0.22 -17.05 27.76
CA LYS A 221 0.47 -15.79 27.06
C LYS A 221 1.74 -15.11 27.55
N VAL A 222 1.97 -15.07 28.86
CA VAL A 222 3.17 -14.41 29.34
C VAL A 222 4.40 -15.21 28.94
N PHE A 223 4.29 -16.53 28.83
CA PHE A 223 5.41 -17.33 28.34
C PHE A 223 5.75 -16.99 26.90
N TYR A 224 4.72 -16.79 26.08
CA TYR A 224 4.90 -16.45 24.68
C TYR A 224 5.48 -15.05 24.47
N LEU A 225 5.03 -14.09 25.28
CA LEU A 225 5.53 -12.73 25.14
C LEU A 225 6.88 -12.51 25.81
N GLY A 226 7.21 -13.25 26.87
CA GLY A 226 8.57 -13.23 27.39
C GLY A 226 9.59 -13.81 26.45
N GLN A 227 9.25 -14.92 25.78
CA GLN A 227 10.14 -15.46 24.75
C GLN A 227 10.35 -14.47 23.63
N ALA A 228 9.28 -13.81 23.19
CA ALA A 228 9.40 -12.81 22.15
C ALA A 228 10.31 -11.66 22.56
N ALA A 229 10.12 -11.13 23.76
CA ALA A 229 10.97 -10.04 24.23
C ALA A 229 12.43 -10.48 24.33
N PHE A 230 12.67 -11.67 24.90
CA PHE A 230 14.04 -12.13 25.08
C PHE A 230 14.74 -12.30 23.73
N TRP A 231 14.14 -13.03 22.80
CA TRP A 231 14.81 -13.25 21.53
C TRP A 231 14.89 -12.00 20.67
N ALA A 232 13.92 -11.09 20.78
CA ALA A 232 14.05 -9.82 20.08
C ALA A 232 15.21 -9.01 20.62
N GLN A 233 15.41 -9.00 21.94
CA GLN A 233 16.55 -8.30 22.51
C GLN A 233 17.87 -8.92 22.07
N GLN A 234 17.92 -10.26 22.05
CA GLN A 234 19.09 -10.94 21.49
C GLN A 234 19.36 -10.50 20.07
N ALA A 235 18.33 -10.51 19.22
CA ALA A 235 18.52 -10.17 17.82
C ALA A 235 18.87 -8.70 17.61
N CYS A 236 18.43 -7.81 18.50
CA CYS A 236 18.76 -6.40 18.29
C CYS A 236 20.16 -6.09 18.80
N ILE A 237 20.65 -6.81 19.81
CA ILE A 237 22.05 -6.60 20.19
C ILE A 237 22.96 -7.39 19.26
N LEU A 238 22.37 -8.27 18.44
CA LEU A 238 23.12 -8.90 17.36
C LEU A 238 23.36 -7.97 16.18
N VAL A 239 22.52 -6.95 16.01
CA VAL A 239 22.61 -6.09 14.83
C VAL A 239 23.16 -4.73 15.25
N LEU A 240 23.17 -4.47 16.55
CA LEU A 240 23.86 -3.32 17.12
C LEU A 240 25.18 -3.87 17.67
N GLN A 241 26.17 -3.98 16.79
CA GLN A 241 27.45 -4.57 17.17
C GLN A 241 28.18 -3.64 18.13
N LEU A 242 28.17 -3.99 19.41
CA LEU A 242 28.95 -3.24 20.38
C LEU A 242 30.43 -3.64 20.28
N GLU A 243 30.70 -4.93 20.47
CA GLU A 243 32.04 -5.49 20.30
C GLU A 243 31.89 -6.92 19.82
N LYS A 244 32.97 -7.71 19.98
CA LYS A 244 33.07 -9.11 19.59
C LYS A 244 32.51 -9.32 18.19
N PRO A 245 33.25 -8.89 17.15
CA PRO A 245 32.68 -8.78 15.80
C PRO A 245 32.08 -10.06 15.21
N ARG A 246 32.87 -11.13 15.07
CA ARG A 246 32.42 -12.25 14.28
C ARG A 246 32.95 -13.57 14.81
N LYS A 247 31.98 -14.44 15.15
CA LYS A 247 32.20 -15.80 15.64
C LYS A 247 30.89 -16.64 15.70
N ASP A 248 30.64 -17.50 14.71
CA ASP A 248 29.45 -18.35 14.69
C ASP A 248 28.19 -17.59 14.24
N HIS A 249 28.35 -16.34 13.80
CA HIS A 249 27.19 -15.50 13.53
C HIS A 249 26.34 -15.92 12.34
N ASN A 250 26.82 -16.81 11.48
CA ASN A 250 25.92 -17.31 10.43
C ASN A 250 24.84 -18.24 11.01
N GLU A 251 25.26 -19.29 11.71
CA GLU A 251 24.31 -20.15 12.41
C GLU A 251 23.52 -19.35 13.44
N LEU A 252 24.19 -18.43 14.14
CA LEU A 252 23.53 -17.60 15.13
C LEU A 252 22.45 -16.71 14.53
N THR A 253 22.72 -16.07 13.40
CA THR A 253 21.71 -15.19 12.82
C THR A 253 20.57 -16.00 12.23
N PHE A 254 20.86 -17.16 11.65
CA PHE A 254 19.77 -18.01 11.17
C PHE A 254 18.89 -18.44 12.34
N HIS A 255 19.51 -18.86 13.44
CA HIS A 255 18.75 -19.23 14.63
C HIS A 255 17.90 -18.07 15.14
N HIS A 256 18.49 -16.88 15.30
CA HIS A 256 17.73 -15.77 15.87
C HIS A 256 16.58 -15.35 14.97
N ILE A 257 16.82 -15.22 13.66
CA ILE A 257 15.75 -14.81 12.76
C ILE A 257 14.65 -15.86 12.71
N VAL A 258 15.01 -17.14 12.63
CA VAL A 258 13.99 -18.18 12.57
C VAL A 258 13.20 -18.23 13.88
N THR A 259 13.87 -18.16 15.02
CA THR A 259 13.17 -18.17 16.30
C THR A 259 12.21 -17.00 16.43
N LEU A 260 12.64 -15.80 16.05
CA LEU A 260 11.78 -14.64 16.18
C LEU A 260 10.61 -14.69 15.21
N LEU A 261 10.83 -15.10 13.96
CA LEU A 261 9.73 -15.28 13.03
C LEU A 261 8.74 -16.35 13.48
N LEU A 262 9.21 -17.48 14.00
CA LEU A 262 8.29 -18.50 14.48
C LEU A 262 7.48 -18.02 15.67
N ILE A 263 8.12 -17.33 16.62
CA ILE A 263 7.35 -16.81 17.76
C ILE A 263 6.28 -15.84 17.28
N TRP A 264 6.65 -14.87 16.45
CA TRP A 264 5.70 -13.85 16.00
C TRP A 264 4.57 -14.48 15.18
N SER A 265 4.91 -15.35 14.23
CA SER A 265 3.89 -15.92 13.35
C SER A 265 3.03 -16.96 14.03
N SER A 266 3.55 -17.54 15.11
CA SER A 266 2.82 -18.54 15.89
C SER A 266 1.80 -17.82 16.76
N TYR A 267 2.19 -16.67 17.33
CA TYR A 267 1.29 -15.91 18.17
C TYR A 267 0.21 -15.21 17.34
N VAL A 268 0.62 -14.53 16.27
CA VAL A 268 -0.29 -13.73 15.47
C VAL A 268 -1.35 -14.59 14.80
N PHE A 269 -0.97 -15.75 14.26
CA PHE A 269 -1.88 -16.59 13.49
C PHE A 269 -2.49 -17.72 14.32
N HIS A 270 -2.47 -17.58 15.64
CA HIS A 270 -3.19 -18.43 16.59
C HIS A 270 -2.63 -19.85 16.70
N PHE A 271 -1.46 -20.13 16.13
CA PHE A 271 -0.85 -21.46 16.23
C PHE A 271 0.05 -21.52 17.47
N THR A 272 -0.63 -21.49 18.60
CA THR A 272 -0.08 -21.05 19.87
C THR A 272 0.20 -22.22 20.80
N LYS A 273 -0.81 -23.08 21.00
CA LYS A 273 -0.64 -24.39 21.58
C LYS A 273 0.27 -25.29 20.75
N MET A 274 0.45 -24.96 19.47
CA MET A 274 1.50 -25.57 18.68
C MET A 274 2.87 -25.03 19.07
N GLY A 275 2.92 -23.79 19.55
CA GLY A 275 4.19 -23.18 19.88
C GLY A 275 4.79 -23.65 21.19
N LEU A 276 3.95 -23.95 22.18
CA LEU A 276 4.50 -24.36 23.48
C LEU A 276 5.42 -25.58 23.41
N PRO A 277 5.01 -26.72 22.84
CA PRO A 277 5.88 -27.91 22.90
C PRO A 277 7.23 -27.72 22.22
N ILE A 278 7.29 -26.93 21.15
CA ILE A 278 8.54 -26.78 20.43
C ILE A 278 9.56 -25.97 21.22
N TYR A 279 9.27 -24.90 21.94
CA TYR A 279 10.50 -24.54 22.66
C TYR A 279 10.64 -25.41 23.86
N ILE A 280 9.55 -25.83 24.50
CA ILE A 280 9.92 -26.67 25.64
C ILE A 280 11.17 -27.49 25.33
N THR A 281 11.18 -28.14 24.16
CA THR A 281 12.31 -28.98 23.78
C THR A 281 13.59 -28.16 23.63
N MET A 282 13.51 -27.03 22.93
CA MET A 282 14.70 -26.21 22.71
C MET A 282 15.28 -25.74 24.04
N ASP A 283 14.42 -25.28 24.96
CA ASP A 283 14.94 -24.79 26.23
C ASP A 283 15.56 -25.89 27.07
N VAL A 284 14.88 -27.02 27.28
CA VAL A 284 15.54 -28.00 28.15
C VAL A 284 16.79 -28.61 27.49
N SER A 285 16.78 -28.82 26.16
CA SER A 285 17.99 -29.29 25.50
C SER A 285 19.14 -28.30 25.60
N ASP A 286 18.85 -27.01 25.44
CA ASP A 286 19.90 -26.01 25.57
C ASP A 286 20.43 -25.93 27.00
N PHE A 287 19.56 -26.14 27.98
CA PHE A 287 20.04 -26.21 29.36
C PHE A 287 21.08 -27.31 29.51
N LEU A 288 20.77 -28.50 29.01
CA LEU A 288 21.73 -29.60 29.13
C LEU A 288 23.02 -29.32 28.37
N LEU A 289 22.90 -28.78 27.15
CA LEU A 289 24.08 -28.47 26.36
C LEU A 289 24.99 -27.46 27.05
N SER A 290 24.42 -26.35 27.52
CA SER A 290 25.21 -25.34 28.21
C SER A 290 25.80 -25.85 29.51
N PHE A 291 25.10 -26.73 30.22
CA PHE A 291 25.69 -27.35 31.41
C PHE A 291 26.91 -28.17 31.04
N SER A 292 26.83 -28.94 29.95
CA SER A 292 27.97 -29.74 29.51
C SER A 292 29.16 -28.86 29.14
N LYS A 293 28.91 -27.76 28.42
CA LYS A 293 30.02 -26.90 28.02
C LYS A 293 30.61 -26.16 29.22
N THR A 294 29.77 -25.78 30.18
CA THR A 294 30.29 -25.18 31.41
C THR A 294 31.20 -26.14 32.15
N LEU A 295 30.76 -27.39 32.33
CA LEU A 295 31.65 -28.35 32.98
C LEU A 295 32.85 -28.72 32.14
N ASN A 296 32.80 -28.48 30.83
CA ASN A 296 34.01 -28.57 30.02
C ASN A 296 35.01 -27.49 30.42
N TYR A 297 34.52 -26.25 30.45
CA TYR A 297 35.35 -25.11 30.81
C TYR A 297 35.97 -25.38 32.18
N LEU A 298 35.12 -25.44 33.20
CA LEU A 298 35.61 -25.73 34.54
C LEU A 298 36.02 -27.19 34.61
N ASP A 299 37.26 -27.49 34.20
CA ASP A 299 37.73 -28.86 34.09
C ASP A 299 37.44 -29.65 35.36
N SER A 300 36.59 -30.67 35.24
CA SER A 300 36.12 -31.44 36.39
C SER A 300 36.26 -32.94 36.22
N GLY A 301 36.25 -33.44 34.97
CA GLY A 301 36.27 -34.86 34.71
C GLY A 301 34.91 -35.51 34.70
N LEU A 302 33.89 -34.83 35.21
CA LEU A 302 32.49 -35.26 35.12
C LEU A 302 31.84 -34.73 33.86
N ALA A 303 32.60 -34.00 33.03
CA ALA A 303 32.04 -33.34 31.87
C ALA A 303 31.51 -34.33 30.84
N PHE A 304 32.22 -35.44 30.65
CA PHE A 304 31.79 -36.41 29.65
C PHE A 304 30.48 -37.09 30.04
N PHE A 305 30.25 -37.30 31.34
CA PHE A 305 28.97 -37.84 31.79
C PHE A 305 27.83 -36.88 31.43
N SER A 306 28.03 -35.58 31.70
CA SER A 306 27.02 -34.60 31.37
C SER A 306 26.82 -34.49 29.86
N PHE A 307 27.88 -34.64 29.08
CA PHE A 307 27.76 -34.62 27.63
C PHE A 307 27.03 -35.84 27.07
N ALA A 308 27.22 -37.02 27.67
CA ALA A 308 26.44 -38.17 27.26
C ALA A 308 24.96 -38.00 27.60
N ILE A 309 24.68 -37.50 28.80
CA ILE A 309 23.29 -37.19 29.14
C ILE A 309 22.73 -36.18 28.16
N PHE A 310 23.51 -35.15 27.82
CA PHE A 310 23.07 -34.17 26.85
C PHE A 310 22.78 -34.79 25.50
N VAL A 311 23.65 -35.68 25.03
CA VAL A 311 23.45 -36.21 23.68
C VAL A 311 22.21 -37.10 23.63
N VAL A 312 21.98 -37.88 24.70
CA VAL A 312 20.76 -38.69 24.67
C VAL A 312 19.52 -37.80 24.79
N ALA A 313 19.57 -36.72 25.58
CA ALA A 313 18.43 -35.84 25.69
C ALA A 313 18.18 -35.08 24.39
N TRP A 314 19.25 -34.66 23.71
CA TRP A 314 19.12 -34.03 22.40
C TRP A 314 18.48 -34.96 21.40
N ILE A 315 19.00 -36.20 21.30
CA ILE A 315 18.44 -37.17 20.38
C ILE A 315 16.97 -37.43 20.68
N TYR A 316 16.61 -37.52 21.96
CA TYR A 316 15.20 -37.71 22.28
C TYR A 316 14.38 -36.48 21.91
N LEU A 317 14.63 -35.36 22.58
CA LEU A 317 13.80 -34.17 22.41
C LEU A 317 13.85 -33.61 20.99
N ARG A 318 14.99 -33.04 20.60
CA ARG A 318 15.00 -32.18 19.42
C ARG A 318 14.80 -32.98 18.15
N HIS A 319 14.93 -34.30 18.22
CA HIS A 319 14.68 -35.10 17.03
C HIS A 319 13.39 -35.88 17.12
N TYR A 320 13.23 -36.74 18.12
CA TYR A 320 12.02 -37.53 18.18
C TYR A 320 10.78 -36.66 18.39
N ILE A 321 10.83 -35.70 19.33
CA ILE A 321 9.62 -34.92 19.61
C ILE A 321 9.27 -34.01 18.43
N ASN A 322 10.26 -33.35 17.82
CA ASN A 322 9.97 -32.50 16.67
C ASN A 322 9.58 -33.29 15.44
N LEU A 323 10.14 -34.48 15.22
CA LEU A 323 9.66 -35.35 14.15
C LEU A 323 8.22 -35.76 14.39
N LYS A 324 7.89 -36.09 15.64
CA LYS A 324 6.51 -36.40 15.98
C LYS A 324 5.60 -35.21 15.72
N ILE A 325 6.09 -34.00 16.00
CA ILE A 325 5.28 -32.79 15.81
C ILE A 325 5.06 -32.49 14.34
N LEU A 326 6.09 -32.72 13.53
CA LEU A 326 5.99 -32.52 12.10
C LEU A 326 4.97 -33.52 11.57
N TRP A 327 5.18 -34.79 11.88
CA TRP A 327 4.25 -35.84 11.48
C TRP A 327 2.84 -35.50 11.93
N SER A 328 2.69 -34.93 13.11
CA SER A 328 1.43 -34.45 13.64
C SER A 328 0.84 -33.41 12.70
N VAL A 329 1.65 -32.45 12.27
CA VAL A 329 1.20 -31.48 11.29
C VAL A 329 0.64 -32.23 10.10
N LEU A 330 1.51 -33.00 9.42
CA LEU A 330 1.13 -33.66 8.17
C LEU A 330 -0.14 -34.49 8.27
N THR A 331 -0.35 -35.19 9.39
CA THR A 331 -1.50 -36.07 9.47
C THR A 331 -2.69 -35.40 10.19
N GLN A 332 -2.51 -35.00 11.44
CA GLN A 332 -3.60 -34.52 12.27
C GLN A 332 -3.85 -33.03 12.11
N PHE A 333 -3.21 -32.35 11.15
CA PHE A 333 -3.54 -30.96 10.91
C PHE A 333 -4.85 -30.88 10.15
N ARG A 334 -5.06 -31.84 9.25
CA ARG A 334 -6.31 -32.01 8.52
C ARG A 334 -7.35 -32.71 9.38
N THR A 335 -7.00 -33.87 9.91
CA THR A 335 -7.93 -34.80 10.54
C THR A 335 -8.59 -34.21 11.78
N GLU A 336 -7.86 -33.43 12.56
CA GLU A 336 -8.31 -32.95 13.85
C GLU A 336 -8.85 -31.53 13.74
N GLY A 337 -10.02 -31.31 14.30
CA GLY A 337 -10.54 -29.95 14.47
C GLY A 337 -11.18 -29.41 13.20
N ASN A 338 -10.87 -28.16 12.87
CA ASN A 338 -11.52 -27.44 11.79
C ASN A 338 -10.54 -27.28 10.63
N TYR A 339 -10.96 -27.67 9.43
CA TYR A 339 -10.06 -27.62 8.28
C TYR A 339 -10.72 -26.98 7.06
N VAL A 340 -11.78 -26.21 7.25
CA VAL A 340 -12.41 -25.46 6.17
C VAL A 340 -12.06 -23.99 6.36
N LEU A 341 -11.35 -23.41 5.39
CA LEU A 341 -10.93 -22.03 5.51
C LEU A 341 -12.13 -21.10 5.65
N ASN A 342 -12.01 -20.12 6.54
CA ASN A 342 -13.09 -19.19 6.81
C ASN A 342 -12.46 -17.89 7.27
N PHE A 343 -12.40 -16.89 6.39
CA PHE A 343 -11.82 -15.61 6.73
C PHE A 343 -12.69 -14.83 7.71
N ALA A 344 -14.01 -14.99 7.64
CA ALA A 344 -14.89 -14.28 8.56
C ALA A 344 -14.68 -14.74 9.99
N THR A 345 -14.69 -16.05 10.21
CA THR A 345 -14.44 -16.64 11.51
C THR A 345 -13.00 -16.46 11.96
N GLN A 346 -12.11 -16.12 11.02
CA GLN A 346 -10.70 -15.85 11.29
C GLN A 346 -10.00 -17.12 11.75
N GLN A 347 -10.13 -18.19 10.96
CA GLN A 347 -9.42 -19.45 11.24
C GLN A 347 -8.63 -19.80 9.99
N TYR A 348 -7.30 -19.84 10.13
CA TYR A 348 -6.41 -20.02 9.00
C TYR A 348 -5.90 -21.44 8.86
N LYS A 349 -6.36 -22.36 9.71
CA LYS A 349 -5.92 -23.75 9.63
C LYS A 349 -6.56 -24.40 8.41
N CYS A 350 -5.86 -24.36 7.28
CA CYS A 350 -6.35 -24.94 6.04
C CYS A 350 -5.19 -25.56 5.28
N TRP A 351 -5.40 -25.89 4.01
CA TRP A 351 -4.36 -26.47 3.18
C TRP A 351 -3.37 -25.43 2.70
N ILE A 352 -3.65 -24.15 2.92
CA ILE A 352 -2.74 -23.09 2.52
C ILE A 352 -1.69 -22.79 3.58
N SER A 353 -1.97 -23.11 4.85
CA SER A 353 -1.05 -22.83 5.95
C SER A 353 -0.25 -24.05 6.36
N LEU A 354 -0.66 -25.24 5.92
CA LEU A 354 0.08 -26.46 6.21
C LEU A 354 1.49 -26.37 5.61
N PRO A 355 1.65 -25.93 4.33
CA PRO A 355 3.00 -25.67 3.82
C PRO A 355 3.82 -24.77 4.72
N ILE A 356 3.27 -23.64 5.15
CA ILE A 356 4.03 -22.68 5.93
C ILE A 356 4.48 -23.28 7.26
N VAL A 357 3.55 -23.94 7.96
CA VAL A 357 3.88 -24.54 9.24
C VAL A 357 4.96 -25.61 9.06
N PHE A 358 4.78 -26.50 8.08
CA PHE A 358 5.75 -27.56 7.89
C PHE A 358 7.10 -27.01 7.49
N VAL A 359 7.14 -25.94 6.70
CA VAL A 359 8.40 -25.34 6.29
C VAL A 359 9.13 -24.74 7.48
N LEU A 360 8.43 -24.06 8.37
CA LEU A 360 9.10 -23.52 9.56
C LEU A 360 9.64 -24.63 10.45
N ILE A 361 8.84 -25.67 10.68
CA ILE A 361 9.31 -26.78 11.51
C ILE A 361 10.50 -27.46 10.84
N GLY A 362 10.47 -27.60 9.52
CA GLY A 362 11.57 -28.18 8.78
C GLY A 362 12.83 -27.34 8.88
N ALA A 363 12.70 -26.02 8.86
CA ALA A 363 13.87 -25.16 9.02
C ALA A 363 14.52 -25.40 10.38
N LEU A 364 13.71 -25.42 11.44
CA LEU A 364 14.26 -25.72 12.76
C LEU A 364 14.93 -27.08 12.78
N GLN A 365 14.33 -28.07 12.13
CA GLN A 365 14.90 -29.41 12.15
C GLN A 365 16.19 -29.49 11.36
N LEU A 366 16.31 -28.74 10.25
CA LEU A 366 17.56 -28.72 9.51
C LEU A 366 18.68 -28.12 10.36
N VAL A 367 18.38 -27.04 11.08
CA VAL A 367 19.40 -26.48 11.95
C VAL A 367 19.82 -27.49 13.01
N ASN A 368 18.86 -28.19 13.62
CA ASN A 368 19.23 -29.18 14.62
C ASN A 368 19.94 -30.38 14.01
N LEU A 369 19.69 -30.68 12.73
CA LEU A 369 20.41 -31.75 12.08
C LEU A 369 21.88 -31.41 11.87
N TYR A 370 22.15 -30.20 11.40
CA TYR A 370 23.54 -29.77 11.31
C TYR A 370 24.19 -29.80 12.68
N TRP A 371 23.45 -29.41 13.72
CA TRP A 371 24.04 -29.41 15.04
C TRP A 371 24.31 -30.81 15.58
N LEU A 372 23.51 -31.83 15.28
CA LEU A 372 23.97 -33.12 15.81
C LEU A 372 25.05 -33.72 14.94
N PHE A 373 25.13 -33.35 13.66
CA PHE A 373 26.34 -33.72 12.91
C PHE A 373 27.57 -33.18 13.62
N LEU A 374 27.54 -31.93 14.05
CA LEU A 374 28.64 -31.39 14.83
C LEU A 374 28.84 -32.15 16.14
N ILE A 375 27.76 -32.43 16.87
CA ILE A 375 27.87 -33.16 18.14
C ILE A 375 28.55 -34.50 17.95
N PHE A 376 28.13 -35.26 16.94
CA PHE A 376 28.69 -36.60 16.77
C PHE A 376 30.09 -36.59 16.20
N ARG A 377 30.44 -35.53 15.46
CA ARG A 377 31.80 -35.39 14.94
C ARG A 377 32.71 -35.22 16.15
N VAL A 378 32.33 -34.32 17.06
CA VAL A 378 33.10 -34.08 18.29
C VAL A 378 33.10 -35.35 19.14
N LEU A 379 31.96 -36.04 19.19
CA LEU A 379 31.85 -37.22 20.04
C LEU A 379 32.83 -38.30 19.62
N TYR A 380 32.91 -38.63 18.33
CA TYR A 380 33.79 -39.73 17.97
C TYR A 380 35.25 -39.30 18.02
N ARG A 381 35.55 -38.05 17.62
CA ARG A 381 36.94 -37.62 17.72
C ARG A 381 37.43 -37.67 19.16
N ILE A 382 36.63 -37.19 20.11
CA ILE A 382 37.02 -37.31 21.52
C ILE A 382 37.01 -38.76 21.98
N LEU A 383 36.12 -39.60 21.43
CA LEU A 383 36.05 -40.99 21.86
C LEU A 383 37.34 -41.73 21.56
N TRP A 384 37.93 -41.52 20.38
CA TRP A 384 39.21 -42.16 20.16
C TRP A 384 40.40 -41.25 20.43
N ARG A 385 40.18 -40.05 20.97
CA ARG A 385 41.29 -39.21 21.43
C ARG A 385 41.40 -39.26 22.94
N PRO B 18 28.94 0.73 17.60
CA PRO B 18 27.49 0.78 17.78
C PRO B 18 26.76 1.37 16.57
N LYS B 19 26.60 0.57 15.52
CA LYS B 19 25.90 1.05 14.32
C LYS B 19 24.41 1.10 14.56
N ILE B 20 23.94 2.21 15.14
CA ILE B 20 22.55 2.38 15.54
C ILE B 20 21.62 2.29 14.34
N PHE B 21 21.98 2.93 13.23
CA PHE B 21 21.07 3.01 12.09
C PHE B 21 20.74 1.64 11.49
N ASN B 22 21.68 0.70 11.49
CA ASN B 22 21.37 -0.64 11.01
C ASN B 22 20.25 -1.25 11.85
N LEU B 23 20.39 -1.19 13.18
CA LEU B 23 19.30 -1.55 14.08
C LEU B 23 18.02 -0.85 13.67
N PHE B 24 18.03 0.49 13.67
CA PHE B 24 16.82 1.27 13.42
C PHE B 24 16.11 0.82 12.15
N ARG B 25 16.84 0.58 11.07
CA ARG B 25 16.17 0.14 9.84
C ARG B 25 15.63 -1.28 9.98
N VAL B 26 16.36 -2.16 10.68
CA VAL B 26 15.86 -3.53 10.86
C VAL B 26 14.58 -3.54 11.70
N CYS B 27 14.58 -2.79 12.81
CA CYS B 27 13.40 -2.75 13.66
C CYS B 27 12.24 -2.07 12.95
N PHE B 28 12.52 -1.01 12.19
CA PHE B 28 11.46 -0.31 11.47
C PHE B 28 10.87 -1.17 10.36
N ILE B 29 11.65 -2.06 9.74
CA ILE B 29 11.06 -2.97 8.78
C ILE B 29 10.35 -4.14 9.46
N SER B 30 10.80 -4.55 10.65
CA SER B 30 10.09 -5.58 11.39
C SER B 30 8.69 -5.10 11.78
N LEU B 31 8.60 -3.88 12.31
CA LEU B 31 7.31 -3.28 12.63
C LEU B 31 6.45 -3.13 11.38
N LEU B 32 7.09 -2.86 10.24
CA LEU B 32 6.36 -2.77 8.99
C LEU B 32 5.75 -4.11 8.57
N LEU B 33 6.49 -5.21 8.70
CA LEU B 33 5.87 -6.52 8.49
C LEU B 33 4.76 -6.81 9.49
N ILE B 34 4.96 -6.43 10.76
CA ILE B 34 3.91 -6.65 11.76
C ILE B 34 2.62 -5.94 11.35
N ALA B 35 2.74 -4.65 11.00
CA ALA B 35 1.58 -3.89 10.57
C ALA B 35 0.97 -4.43 9.28
N ALA B 36 1.81 -4.85 8.33
CA ALA B 36 1.29 -5.38 7.08
C ALA B 36 0.49 -6.65 7.30
N VAL B 37 0.99 -7.56 8.15
CA VAL B 37 0.26 -8.80 8.37
C VAL B 37 -1.01 -8.56 9.19
N GLU B 38 -0.98 -7.60 10.12
CA GLU B 38 -2.21 -7.29 10.85
C GLU B 38 -3.25 -6.68 9.93
N TYR B 39 -2.82 -5.83 8.98
CA TYR B 39 -3.77 -5.33 8.00
C TYR B 39 -4.28 -6.45 7.11
N PHE B 40 -3.41 -7.42 6.78
CA PHE B 40 -3.88 -8.59 6.05
C PHE B 40 -5.02 -9.28 6.78
N LYS B 41 -4.82 -9.56 8.06
CA LYS B 41 -5.86 -10.22 8.85
C LYS B 41 -7.14 -9.41 8.88
N TYR B 42 -7.03 -8.11 9.20
CA TYR B 42 -8.22 -7.27 9.32
C TYR B 42 -8.96 -7.17 7.99
N GLY B 43 -8.24 -6.86 6.91
CA GLY B 43 -8.88 -6.71 5.62
C GLY B 43 -9.54 -7.98 5.15
N THR B 44 -8.83 -9.12 5.22
CA THR B 44 -9.45 -10.38 4.83
C THR B 44 -10.63 -10.76 5.72
N ARG B 45 -10.69 -10.25 6.95
CA ARG B 45 -11.87 -10.50 7.77
C ARG B 45 -13.06 -9.65 7.34
N ILE B 46 -12.87 -8.33 7.22
CA ILE B 46 -14.01 -7.43 7.04
C ILE B 46 -14.68 -7.64 5.69
N ASN B 47 -13.90 -7.96 4.66
CA ASN B 47 -14.51 -8.12 3.34
C ASN B 47 -14.12 -9.47 2.76
N TYR B 48 -14.33 -10.51 3.57
CA TYR B 48 -14.06 -11.90 3.23
C TYR B 48 -14.86 -12.39 2.03
N GLU B 49 -16.00 -11.77 1.72
CA GLU B 49 -16.88 -12.23 0.67
C GLU B 49 -16.24 -12.15 -0.71
N TRP B 50 -15.17 -11.37 -0.86
CA TRP B 50 -14.38 -11.39 -2.09
C TRP B 50 -13.58 -12.66 -2.24
N PHE B 51 -13.31 -13.37 -1.15
CA PHE B 51 -12.55 -14.60 -1.14
C PHE B 51 -13.44 -15.84 -1.26
N HIS B 52 -14.54 -15.87 -0.53
CA HIS B 52 -15.36 -17.07 -0.45
C HIS B 52 -16.52 -17.03 -1.45
N CYS B 53 -17.10 -15.85 -1.66
CA CYS B 53 -18.30 -15.73 -2.49
C CYS B 53 -17.96 -15.18 -3.86
N THR B 54 -18.48 -15.83 -4.90
CA THR B 54 -18.33 -15.38 -6.27
C THR B 54 -19.74 -15.07 -6.79
N PRO B 55 -19.98 -13.86 -7.28
CA PRO B 55 -21.35 -13.47 -7.64
C PRO B 55 -21.74 -13.94 -9.02
N ILE B 56 -22.92 -14.53 -9.16
CA ILE B 56 -23.40 -15.00 -10.45
C ILE B 56 -24.35 -13.98 -11.03
N LYS B 57 -24.09 -13.55 -12.27
CA LYS B 57 -24.98 -12.68 -13.02
C LYS B 57 -25.81 -13.52 -13.96
N GLU B 58 -27.13 -13.41 -13.86
CA GLU B 58 -27.90 -14.10 -14.86
C GLU B 58 -28.60 -13.11 -15.77
N PRO B 59 -28.10 -12.94 -17.01
CA PRO B 59 -28.80 -12.13 -17.99
C PRO B 59 -30.31 -12.38 -18.07
N GLN B 60 -31.02 -11.37 -18.55
CA GLN B 60 -32.47 -11.38 -18.68
C GLN B 60 -32.82 -10.51 -19.88
N SER B 61 -34.05 -9.99 -19.90
CA SER B 61 -34.46 -9.09 -20.97
C SER B 61 -33.74 -7.76 -20.83
N GLY B 62 -34.20 -6.74 -21.55
CA GLY B 62 -33.39 -5.58 -21.92
C GLY B 62 -32.31 -5.09 -20.98
N SER B 63 -32.64 -4.75 -19.73
CA SER B 63 -31.65 -4.14 -18.84
C SER B 63 -31.61 -4.75 -17.45
N VAL B 64 -32.32 -5.85 -17.22
CA VAL B 64 -32.37 -6.45 -15.89
C VAL B 64 -31.50 -7.70 -15.86
N ILE B 65 -31.02 -8.03 -14.67
CA ILE B 65 -30.25 -9.25 -14.42
C ILE B 65 -30.70 -9.84 -13.09
N LYS B 66 -30.29 -11.06 -12.83
CA LYS B 66 -30.58 -11.75 -11.58
C LYS B 66 -29.27 -12.03 -10.86
N LEU B 67 -29.20 -11.70 -9.57
CA LEU B 67 -27.99 -11.83 -8.79
C LEU B 67 -28.12 -12.97 -7.79
N TRP B 68 -27.00 -13.64 -7.51
CA TRP B 68 -26.80 -14.42 -6.30
C TRP B 68 -25.33 -14.76 -6.18
N ALA B 69 -24.99 -15.56 -5.18
CA ALA B 69 -23.62 -15.97 -4.93
C ALA B 69 -23.56 -17.47 -4.64
N ARG B 70 -22.40 -18.06 -4.86
CA ARG B 70 -22.18 -19.46 -4.49
C ARG B 70 -20.73 -19.64 -4.07
N GLY B 71 -20.54 -20.21 -2.89
CA GLY B 71 -19.22 -20.55 -2.40
C GLY B 71 -19.27 -21.72 -1.44
N GLY B 72 -18.24 -21.90 -0.63
CA GLY B 72 -18.23 -22.97 0.34
C GLY B 72 -19.04 -22.58 1.55
N PRO B 73 -18.86 -23.30 2.66
CA PRO B 73 -19.57 -22.98 3.91
C PRO B 73 -19.20 -21.64 4.53
N SER B 74 -18.20 -20.94 4.00
CA SER B 74 -17.85 -19.61 4.46
C SER B 74 -18.60 -18.53 3.69
N CYS B 75 -19.31 -18.92 2.64
CA CYS B 75 -20.25 -18.04 1.94
C CYS B 75 -21.64 -18.17 2.55
N ASP B 76 -21.77 -17.63 3.77
CA ASP B 76 -23.06 -17.63 4.45
C ASP B 76 -24.00 -16.61 3.82
N LYS B 77 -25.16 -16.42 4.45
CA LYS B 77 -26.15 -15.51 3.89
C LYS B 77 -25.64 -14.08 3.78
N ARG B 78 -24.89 -13.59 4.76
CA ARG B 78 -24.42 -12.21 4.63
C ARG B 78 -23.29 -12.07 3.63
N GLY B 79 -22.51 -13.12 3.38
CA GLY B 79 -21.60 -13.07 2.26
C GLY B 79 -22.34 -12.84 0.96
N GLU B 80 -23.45 -13.56 0.76
CA GLU B 80 -24.28 -13.37 -0.42
C GLU B 80 -24.90 -11.99 -0.46
N TYR B 81 -25.42 -11.49 0.66
CA TYR B 81 -26.01 -10.15 0.67
C TYR B 81 -24.96 -9.10 0.34
N LYS B 82 -23.79 -9.18 0.97
CA LYS B 82 -22.71 -8.24 0.70
C LYS B 82 -22.33 -8.23 -0.77
N THR B 83 -22.05 -9.41 -1.33
CA THR B 83 -21.60 -9.44 -2.72
C THR B 83 -22.72 -9.02 -3.69
N ILE B 84 -23.97 -9.37 -3.39
CA ILE B 84 -25.07 -8.96 -4.24
C ILE B 84 -25.23 -7.45 -4.22
N VAL B 85 -25.19 -6.84 -3.03
CA VAL B 85 -25.41 -5.39 -2.97
C VAL B 85 -24.22 -4.65 -3.57
N LYS B 86 -23.01 -5.16 -3.44
CA LYS B 86 -21.92 -4.44 -4.10
C LYS B 86 -21.99 -4.59 -5.61
N ARG B 87 -22.38 -5.76 -6.12
CA ARG B 87 -22.60 -5.87 -7.57
C ARG B 87 -23.68 -4.91 -8.04
N ILE B 88 -24.79 -4.83 -7.29
CA ILE B 88 -25.88 -3.94 -7.67
C ILE B 88 -25.45 -2.49 -7.66
N THR B 89 -24.69 -2.08 -6.64
CA THR B 89 -24.38 -0.68 -6.45
C THR B 89 -23.17 -0.19 -7.23
N ARG B 90 -22.24 -1.06 -7.63
CA ARG B 90 -21.15 -0.61 -8.48
C ARG B 90 -21.10 -1.33 -9.81
N ASP B 91 -22.20 -1.91 -10.26
CA ASP B 91 -22.36 -2.28 -11.66
C ASP B 91 -23.39 -1.40 -12.37
N TYR B 92 -24.04 -0.49 -11.65
CA TYR B 92 -25.12 0.34 -12.17
C TYR B 92 -24.83 1.78 -11.75
N GLU B 93 -24.68 2.65 -12.73
CA GLU B 93 -24.46 4.06 -12.44
C GLU B 93 -25.80 4.80 -12.43
N PRO B 94 -26.28 5.27 -11.27
CA PRO B 94 -27.56 5.95 -11.20
C PRO B 94 -27.54 7.41 -11.65
N ASN B 95 -26.36 8.03 -11.68
CA ASN B 95 -26.24 9.39 -12.18
C ASN B 95 -26.56 9.48 -13.66
N ASP B 96 -26.27 8.43 -14.43
CA ASP B 96 -26.66 8.37 -15.83
C ASP B 96 -28.15 8.09 -15.93
N GLU B 97 -28.57 6.93 -15.44
CA GLU B 97 -29.98 6.60 -15.34
C GLU B 97 -30.28 5.93 -14.01
N HIS B 98 -31.44 6.23 -13.45
CA HIS B 98 -31.84 5.75 -12.14
C HIS B 98 -32.26 4.29 -12.29
N LEU B 99 -31.84 3.46 -11.34
CA LEU B 99 -32.16 2.04 -11.36
C LEU B 99 -33.23 1.71 -10.33
N SER B 100 -33.53 0.41 -10.23
CA SER B 100 -34.59 -0.08 -9.36
C SER B 100 -34.34 -1.57 -9.17
N PHE B 101 -34.28 -2.02 -7.93
CA PHE B 101 -33.95 -3.41 -7.65
C PHE B 101 -34.84 -4.01 -6.57
N CYS B 102 -34.81 -5.33 -6.48
CA CYS B 102 -35.59 -6.11 -5.52
C CYS B 102 -34.72 -7.25 -5.04
N ILE B 103 -34.77 -7.57 -3.74
CA ILE B 103 -33.99 -8.65 -3.16
C ILE B 103 -34.97 -9.61 -2.49
N ILE B 104 -34.89 -10.88 -2.87
CA ILE B 104 -35.80 -11.91 -2.36
C ILE B 104 -34.96 -12.96 -1.65
N GLU B 105 -35.34 -13.30 -0.43
CA GLU B 105 -34.58 -14.23 0.39
C GLU B 105 -35.20 -15.62 0.36
N ASN B 106 -34.34 -16.62 0.33
CA ASN B 106 -34.76 -18.03 0.38
C ASN B 106 -34.98 -18.39 1.84
N ASP B 107 -36.25 -18.44 2.24
CA ASP B 107 -36.61 -18.49 3.66
C ASP B 107 -36.60 -19.91 4.22
N ASN B 108 -36.32 -20.91 3.39
CA ASN B 108 -36.10 -22.24 3.97
C ASN B 108 -34.77 -22.79 3.46
N VAL B 109 -33.69 -22.25 4.01
CA VAL B 109 -32.33 -22.71 3.82
C VAL B 109 -31.53 -22.07 4.96
N PRO B 110 -30.88 -22.84 5.83
CA PRO B 110 -30.22 -22.24 6.99
C PRO B 110 -29.12 -21.29 6.54
N PRO B 111 -28.78 -20.29 7.38
CA PRO B 111 -27.79 -19.29 6.96
C PRO B 111 -26.51 -19.88 6.39
N VAL B 112 -25.87 -20.77 7.14
CA VAL B 112 -24.71 -21.50 6.67
C VAL B 112 -25.21 -22.77 6.00
N HIS B 113 -25.20 -22.79 4.66
CA HIS B 113 -25.87 -23.88 3.95
C HIS B 113 -25.12 -24.40 2.73
N TYR B 114 -23.88 -24.05 2.53
CA TYR B 114 -23.29 -24.51 1.29
C TYR B 114 -22.36 -25.70 1.52
N PRO B 115 -22.40 -26.69 0.65
CA PRO B 115 -21.44 -27.80 0.75
C PRO B 115 -20.09 -27.45 0.15
N ILE B 116 -19.08 -28.16 0.63
CA ILE B 116 -17.72 -27.99 0.10
C ILE B 116 -17.70 -28.29 -1.39
N HIS B 117 -18.40 -29.34 -1.81
CA HIS B 117 -18.37 -29.76 -3.21
C HIS B 117 -19.23 -28.86 -4.09
N GLU B 118 -19.43 -29.25 -5.34
CA GLU B 118 -20.03 -28.38 -6.34
C GLU B 118 -21.52 -28.66 -6.57
N ASP B 119 -22.13 -29.51 -5.75
CA ASP B 119 -23.58 -29.68 -5.77
C ASP B 119 -24.15 -28.87 -4.60
N LYS B 120 -24.29 -27.56 -4.84
CA LYS B 120 -24.57 -26.65 -3.75
C LYS B 120 -26.06 -26.34 -3.60
N GLY B 121 -26.76 -26.11 -4.70
CA GLY B 121 -28.20 -25.94 -4.67
C GLY B 121 -28.64 -24.50 -4.61
N GLU B 122 -29.80 -24.30 -3.99
CA GLU B 122 -30.45 -23.00 -3.95
C GLU B 122 -29.64 -22.02 -3.11
N PRO B 123 -29.46 -20.80 -3.59
CA PRO B 123 -28.73 -19.78 -2.83
C PRO B 123 -29.58 -19.24 -1.69
N GLY B 124 -28.96 -18.40 -0.87
CA GLY B 124 -29.68 -17.78 0.23
C GLY B 124 -30.46 -16.56 -0.24
N TYR B 125 -29.89 -15.81 -1.17
CA TYR B 125 -30.48 -14.57 -1.66
C TYR B 125 -30.44 -14.55 -3.18
N VAL B 126 -31.52 -14.04 -3.78
CA VAL B 126 -31.56 -13.67 -5.19
C VAL B 126 -32.07 -12.24 -5.29
N ALA B 127 -31.44 -11.44 -6.13
CA ALA B 127 -31.84 -10.06 -6.33
C ALA B 127 -32.00 -9.76 -7.80
N TYR B 128 -33.06 -9.02 -8.12
CA TYR B 128 -33.31 -8.53 -9.48
C TYR B 128 -33.04 -7.05 -9.52
N VAL B 129 -32.25 -6.60 -10.50
CA VAL B 129 -31.88 -5.20 -10.58
C VAL B 129 -31.91 -4.77 -12.04
N GLY B 130 -32.46 -3.57 -12.29
CA GLY B 130 -32.50 -3.05 -13.64
C GLY B 130 -32.64 -1.54 -13.66
N TYR B 131 -32.58 -0.95 -14.85
CA TYR B 131 -32.72 0.49 -15.03
C TYR B 131 -34.18 0.86 -15.14
N ASP B 132 -34.45 2.16 -15.15
CA ASP B 132 -35.83 2.64 -15.11
C ASP B 132 -36.46 2.79 -16.49
N THR B 133 -35.72 2.49 -17.55
CA THR B 133 -36.38 2.28 -18.84
C THR B 133 -37.35 1.12 -18.74
N ASP B 134 -36.91 0.03 -18.12
CA ASP B 134 -37.74 -1.15 -17.89
C ASP B 134 -37.89 -1.42 -16.39
N SER B 135 -38.82 -0.70 -15.77
CA SER B 135 -39.14 -0.91 -14.37
C SER B 135 -40.33 -1.83 -14.15
N GLU B 136 -41.26 -1.88 -15.10
CA GLU B 136 -42.30 -2.89 -15.09
C GLU B 136 -41.76 -4.29 -15.27
N LEU B 137 -40.61 -4.45 -15.94
CA LEU B 137 -39.97 -5.75 -16.01
C LEU B 137 -39.48 -6.19 -14.64
N VAL B 138 -38.90 -5.26 -13.86
CA VAL B 138 -38.53 -5.58 -12.49
C VAL B 138 -39.78 -5.85 -11.66
N GLN B 139 -40.87 -5.13 -11.96
CA GLN B 139 -42.14 -5.43 -11.30
C GLN B 139 -42.55 -6.88 -11.55
N GLU B 140 -42.37 -7.35 -12.78
CA GLU B 140 -42.77 -8.71 -13.14
C GLU B 140 -41.87 -9.75 -12.46
N LEU B 141 -40.56 -9.56 -12.54
CA LEU B 141 -39.64 -10.56 -12.00
C LEU B 141 -39.66 -10.64 -10.48
N CYS B 142 -39.83 -9.50 -9.81
CA CYS B 142 -39.95 -9.45 -8.36
C CYS B 142 -41.44 -9.47 -8.05
N ALA B 143 -41.92 -10.63 -7.58
CA ALA B 143 -43.35 -10.89 -7.52
C ALA B 143 -44.11 -9.91 -6.63
N ASP B 144 -43.86 -9.97 -5.32
CA ASP B 144 -44.58 -9.12 -4.37
C ASP B 144 -43.63 -8.64 -3.27
N SER B 145 -42.33 -8.73 -3.51
CA SER B 145 -41.38 -8.24 -2.53
C SER B 145 -41.20 -6.73 -2.70
N THR B 146 -40.73 -6.09 -1.64
CA THR B 146 -40.54 -4.64 -1.69
C THR B 146 -39.48 -4.31 -2.72
N ILE B 147 -39.67 -3.21 -3.41
CA ILE B 147 -38.84 -2.83 -4.55
C ILE B 147 -38.13 -1.54 -4.21
N TYR B 148 -36.81 -1.58 -4.21
CA TYR B 148 -35.97 -0.49 -3.75
C TYR B 148 -35.55 0.36 -4.94
N HIS B 149 -35.69 1.67 -4.80
CA HIS B 149 -35.33 2.61 -5.85
C HIS B 149 -33.98 3.22 -5.50
N MET B 150 -33.28 3.71 -6.52
CA MET B 150 -31.90 4.12 -6.37
C MET B 150 -31.46 5.09 -7.46
N ILE C 71 27.86 -7.70 -39.28
CA ILE C 71 27.31 -6.41 -39.66
C ILE C 71 26.77 -5.70 -38.43
N TRP C 72 26.63 -6.46 -37.33
CA TRP C 72 26.17 -5.89 -36.08
C TRP C 72 27.16 -4.83 -35.57
N PHE C 73 28.45 -5.11 -35.69
CA PHE C 73 29.48 -4.14 -35.35
C PHE C 73 29.46 -2.92 -36.25
N SER C 74 29.26 -3.09 -37.55
CA SER C 74 29.14 -1.95 -38.45
C SER C 74 27.88 -1.13 -38.16
N PHE C 75 26.78 -1.81 -37.82
CA PHE C 75 25.57 -1.11 -37.43
C PHE C 75 25.79 -0.30 -36.16
N ARG C 76 26.51 -0.87 -35.18
CA ARG C 76 26.87 -0.11 -33.99
C ARG C 76 27.78 1.06 -34.33
N GLU C 77 28.70 0.90 -35.27
CA GLU C 77 29.54 2.00 -35.70
C GLU C 77 28.73 3.13 -36.33
N ILE C 78 27.76 2.79 -37.17
CA ILE C 78 26.91 3.83 -37.77
C ILE C 78 26.02 4.46 -36.71
N SER C 79 25.64 3.68 -35.69
CA SER C 79 24.86 4.23 -34.59
C SER C 79 25.73 5.06 -33.65
N TYR C 80 27.05 4.94 -33.75
CA TYR C 80 27.97 5.83 -33.05
C TYR C 80 28.29 7.07 -33.85
N ARG C 81 28.30 6.99 -35.18
CA ARG C 81 28.46 8.16 -36.03
C ARG C 81 27.17 8.95 -36.18
N HIS C 82 26.04 8.38 -35.81
CA HIS C 82 24.76 9.09 -35.75
C HIS C 82 24.15 8.86 -34.36
N ALA C 83 22.92 9.29 -34.15
CA ALA C 83 22.25 9.01 -32.88
C ALA C 83 20.78 8.68 -33.09
N TRP C 84 20.34 8.64 -34.34
CA TRP C 84 18.94 8.46 -34.68
C TRP C 84 18.67 7.12 -35.35
N ILE C 85 19.71 6.33 -35.62
CA ILE C 85 19.54 5.09 -36.36
C ILE C 85 18.68 4.11 -35.56
N ALA C 86 18.97 3.94 -34.27
CA ALA C 86 18.26 2.95 -33.48
C ALA C 86 16.81 3.37 -33.19
N PRO C 87 16.54 4.58 -32.71
CA PRO C 87 15.12 4.99 -32.59
C PRO C 87 14.39 4.96 -33.92
N LEU C 88 15.05 5.33 -35.02
CA LEU C 88 14.42 5.22 -36.32
C LEU C 88 14.04 3.79 -36.63
N MET C 89 14.93 2.84 -36.37
CA MET C 89 14.61 1.43 -36.61
C MET C 89 13.43 0.99 -35.75
N ILE C 90 13.42 1.38 -34.49
CA ILE C 90 12.37 0.95 -33.57
C ILE C 90 11.02 1.42 -34.09
N LEU C 91 10.91 2.72 -34.39
CA LEU C 91 9.62 3.26 -34.79
C LEU C 91 9.23 2.87 -36.22
N ILE C 92 10.20 2.70 -37.12
CA ILE C 92 9.86 2.24 -38.47
C ILE C 92 9.39 0.80 -38.44
N ALA C 93 9.98 -0.03 -37.58
CA ALA C 93 9.51 -1.40 -37.42
C ALA C 93 8.09 -1.41 -36.87
N VAL C 94 7.83 -0.59 -35.84
CA VAL C 94 6.49 -0.55 -35.26
C VAL C 94 5.48 -0.11 -36.32
N TYR C 95 5.77 0.97 -37.05
CA TYR C 95 4.86 1.46 -38.07
C TYR C 95 4.65 0.46 -39.20
N SER C 96 5.72 -0.17 -39.69
CA SER C 96 5.58 -1.13 -40.78
C SER C 96 4.75 -2.33 -40.35
N ALA C 97 5.03 -2.86 -39.15
CA ALA C 97 4.27 -3.99 -38.65
C ALA C 97 2.80 -3.63 -38.50
N TYR C 98 2.53 -2.42 -37.99
CA TYR C 98 1.14 -2.00 -37.81
C TYR C 98 0.44 -1.83 -39.16
N PHE C 99 1.15 -1.27 -40.14
CA PHE C 99 0.51 -0.94 -41.41
C PHE C 99 0.53 -2.11 -42.39
N THR C 100 1.14 -3.23 -42.01
CA THR C 100 0.90 -4.46 -42.77
C THR C 100 -0.59 -4.75 -42.70
N SER C 101 -1.20 -5.08 -43.83
CA SER C 101 -2.65 -5.13 -43.96
C SER C 101 -3.31 -5.94 -42.84
N GLY C 102 -4.51 -5.54 -42.45
CA GLY C 102 -5.16 -6.17 -41.31
C GLY C 102 -6.21 -5.24 -40.76
N ASN C 103 -6.18 -5.01 -39.45
CA ASN C 103 -7.11 -4.10 -38.80
C ASN C 103 -6.34 -2.92 -38.24
N THR C 104 -6.47 -1.76 -38.90
CA THR C 104 -5.87 -0.52 -38.43
C THR C 104 -6.85 0.19 -37.51
N THR C 105 -7.37 -0.57 -36.54
CA THR C 105 -8.39 -0.07 -35.64
C THR C 105 -7.99 -0.43 -34.21
N LYS C 106 -8.94 -0.26 -33.29
CA LYS C 106 -8.67 -0.35 -31.86
C LYS C 106 -8.32 -1.76 -31.41
N THR C 107 -8.52 -2.75 -32.28
CA THR C 107 -8.22 -4.14 -31.95
C THR C 107 -6.81 -4.47 -32.45
N ASN C 108 -5.81 -3.82 -31.85
CA ASN C 108 -4.41 -4.05 -32.18
C ASN C 108 -3.53 -3.37 -31.15
N VAL C 109 -2.54 -4.09 -30.61
CA VAL C 109 -1.63 -3.49 -29.64
C VAL C 109 -0.83 -2.36 -30.25
N LEU C 110 -0.36 -2.54 -31.49
CA LEU C 110 0.35 -1.46 -32.15
C LEU C 110 -0.54 -0.23 -32.33
N HIS C 111 -1.86 -0.41 -32.41
CA HIS C 111 -2.74 0.75 -32.45
C HIS C 111 -2.74 1.50 -31.13
N ARG C 112 -2.75 0.78 -30.00
CA ARG C 112 -2.64 1.47 -28.73
C ARG C 112 -1.28 2.14 -28.59
N PHE C 113 -0.29 1.69 -29.38
CA PHE C 113 1.02 2.32 -29.38
C PHE C 113 1.22 3.34 -30.51
N VAL C 114 0.23 3.59 -31.35
CA VAL C 114 0.47 4.46 -32.50
C VAL C 114 -0.56 5.58 -32.55
N ALA C 115 -1.68 5.41 -31.87
CA ALA C 115 -2.80 6.34 -32.01
C ALA C 115 -3.49 6.51 -30.68
N VAL C 116 -4.29 7.55 -30.58
CA VAL C 116 -5.10 7.80 -29.40
C VAL C 116 -6.30 6.86 -29.40
N SER C 117 -6.49 6.16 -28.29
CA SER C 117 -7.51 5.13 -28.18
C SER C 117 -8.74 5.69 -27.48
N TYR C 118 -9.68 4.80 -27.17
CA TYR C 118 -10.88 5.10 -26.39
C TYR C 118 -11.77 6.13 -27.05
N GLN C 119 -11.92 6.10 -28.37
CA GLN C 119 -12.91 6.94 -29.02
C GLN C 119 -14.31 6.51 -28.61
N ILE C 120 -15.02 7.41 -27.93
CA ILE C 120 -16.33 7.09 -27.39
C ILE C 120 -17.36 7.08 -28.52
N GLY C 121 -18.03 5.94 -28.70
CA GLY C 121 -18.94 5.77 -29.80
C GLY C 121 -18.25 5.93 -31.14
N ASP C 122 -18.77 6.82 -31.98
CA ASP C 122 -18.13 7.15 -33.25
C ASP C 122 -18.10 8.66 -33.44
N THR C 123 -17.71 9.39 -32.39
CA THR C 123 -17.75 10.84 -32.40
C THR C 123 -16.37 11.41 -32.10
N ASN C 124 -16.30 12.71 -31.79
CA ASN C 124 -15.05 13.42 -31.59
C ASN C 124 -14.77 13.55 -30.08
N ALA C 125 -15.04 12.49 -29.36
CA ALA C 125 -14.77 12.44 -27.93
C ALA C 125 -13.89 11.24 -27.64
N TYR C 126 -12.90 11.42 -26.77
CA TYR C 126 -11.90 10.40 -26.46
C TYR C 126 -11.74 10.24 -24.96
N GLY C 127 -11.76 8.98 -24.51
CA GLY C 127 -11.57 8.66 -23.11
C GLY C 127 -10.11 8.46 -22.74
N LYS C 128 -9.90 8.06 -21.49
CA LYS C 128 -8.55 7.88 -20.96
C LYS C 128 -8.32 6.40 -20.64
N GLY C 129 -7.08 6.06 -20.32
CA GLY C 129 -6.73 4.69 -20.01
C GLY C 129 -5.22 4.50 -19.99
N ILE C 130 -4.82 3.23 -20.00
CA ILE C 130 -3.40 2.88 -19.97
C ILE C 130 -2.79 3.03 -21.36
N ASN C 131 -3.64 2.89 -22.39
CA ASN C 131 -3.17 3.06 -23.76
C ASN C 131 -2.62 4.46 -23.95
N ASP C 132 -3.06 5.38 -23.09
CA ASP C 132 -2.48 6.73 -23.08
C ASP C 132 -1.01 6.70 -22.70
N LEU C 133 -0.67 5.93 -21.66
CA LEU C 133 0.74 5.79 -21.28
C LEU C 133 1.54 5.09 -22.36
N CYS C 134 0.94 4.07 -22.99
CA CYS C 134 1.63 3.40 -24.09
C CYS C 134 1.93 4.38 -25.23
N PHE C 135 0.94 5.19 -25.59
CA PHE C 135 1.10 6.23 -26.60
C PHE C 135 2.21 7.20 -26.23
N VAL C 136 2.20 7.67 -24.98
CA VAL C 136 3.19 8.65 -24.52
C VAL C 136 4.60 8.09 -24.62
N PHE C 137 4.79 6.85 -24.17
CA PHE C 137 6.14 6.29 -24.21
C PHE C 137 6.59 6.00 -25.64
N TYR C 138 5.69 5.50 -26.48
CA TYR C 138 6.07 5.28 -27.87
C TYR C 138 6.47 6.59 -28.53
N TYR C 139 5.82 7.69 -28.17
CA TYR C 139 6.18 8.93 -28.84
C TYR C 139 7.36 9.62 -28.17
N MET C 140 7.71 9.24 -26.95
CA MET C 140 9.06 9.55 -26.45
C MET C 140 10.11 8.90 -27.33
N ILE C 141 9.91 7.61 -27.64
CA ILE C 141 10.79 6.90 -28.56
C ILE C 141 10.87 7.63 -29.89
N PHE C 142 9.71 8.07 -30.39
CA PHE C 142 9.67 8.82 -31.66
C PHE C 142 10.39 10.16 -31.57
N PHE C 143 10.13 10.95 -30.54
CA PHE C 143 10.69 12.28 -30.42
C PHE C 143 12.18 12.29 -30.16
N THR C 144 12.75 11.18 -29.67
CA THR C 144 14.20 11.03 -29.73
C THR C 144 14.73 11.01 -31.15
N PHE C 145 14.01 10.34 -32.04
CA PHE C 145 14.37 10.28 -33.45
C PHE C 145 14.19 11.65 -34.14
N LEU C 146 13.16 12.41 -33.76
CA LEU C 146 12.97 13.71 -34.39
C LEU C 146 14.09 14.66 -34.01
N ARG C 147 14.44 14.68 -32.72
CA ARG C 147 15.53 15.54 -32.27
C ARG C 147 16.86 15.14 -32.88
N GLU C 148 17.24 13.87 -32.82
CA GLU C 148 18.56 13.53 -33.34
C GLU C 148 18.67 13.78 -34.83
N PHE C 149 17.65 13.38 -35.60
CA PHE C 149 17.66 13.57 -37.04
C PHE C 149 17.73 15.04 -37.40
N LEU C 150 16.81 15.85 -36.88
CA LEU C 150 16.86 17.28 -37.19
C LEU C 150 18.18 17.89 -36.73
N MET C 151 18.52 17.71 -35.45
CA MET C 151 19.73 18.30 -34.90
C MET C 151 20.91 18.05 -35.82
N ASP C 152 21.32 16.79 -35.98
CA ASP C 152 22.49 16.55 -36.82
C ASP C 152 22.23 16.99 -38.26
N VAL C 153 21.32 16.28 -38.95
CA VAL C 153 21.27 16.30 -40.40
C VAL C 153 20.97 17.71 -40.91
N VAL C 154 20.18 18.48 -40.16
CA VAL C 154 19.83 19.81 -40.62
C VAL C 154 20.63 20.90 -39.90
N ILE C 155 20.65 20.91 -38.57
CA ILE C 155 21.18 22.06 -37.85
C ILE C 155 22.70 22.06 -37.81
N ARG C 156 23.38 20.98 -38.23
CA ARG C 156 24.82 21.20 -38.34
C ARG C 156 25.15 21.89 -39.66
N PRO C 157 24.53 21.52 -40.79
CA PRO C 157 24.72 22.34 -42.00
C PRO C 157 24.35 23.81 -41.83
N PHE C 158 23.28 24.12 -41.10
CA PHE C 158 22.95 25.53 -40.90
C PHE C 158 23.89 26.18 -39.88
N ALA C 159 24.74 25.38 -39.23
CA ALA C 159 25.75 25.96 -38.36
C ALA C 159 27.11 26.09 -39.04
N ILE C 160 27.34 25.35 -40.13
CA ILE C 160 28.60 25.40 -40.84
C ILE C 160 28.52 26.19 -42.15
N ARG C 161 27.48 26.00 -42.94
CA ARG C 161 27.29 26.72 -44.19
C ARG C 161 27.11 28.22 -43.98
N LEU C 162 26.80 28.63 -42.76
CA LEU C 162 26.86 30.03 -42.36
C LEU C 162 28.05 30.19 -41.43
N HIS C 163 28.89 31.18 -41.70
CA HIS C 163 30.14 31.33 -40.97
C HIS C 163 29.93 31.58 -39.48
N VAL C 164 30.26 30.57 -38.67
CA VAL C 164 30.23 30.68 -37.22
C VAL C 164 31.51 30.04 -36.69
N THR C 165 32.19 30.73 -35.78
CA THR C 165 33.51 30.28 -35.35
C THR C 165 33.61 30.31 -33.83
N SER C 166 33.16 29.22 -33.19
CA SER C 166 33.37 28.99 -31.76
C SER C 166 32.83 27.62 -31.38
N LYS C 167 32.96 27.25 -30.10
CA LYS C 167 32.43 26.00 -29.59
C LYS C 167 31.10 26.17 -28.87
N HIS C 168 31.05 27.01 -27.83
CA HIS C 168 29.79 27.31 -27.17
C HIS C 168 28.82 27.98 -28.14
N ARG C 169 29.36 28.81 -29.03
CA ARG C 169 28.56 29.51 -30.02
C ARG C 169 27.81 28.52 -30.92
N ILE C 170 28.52 27.51 -31.42
CA ILE C 170 27.88 26.53 -32.30
C ILE C 170 26.99 25.56 -31.54
N LYS C 171 27.40 25.12 -30.35
CA LYS C 171 26.52 24.25 -29.56
C LYS C 171 25.20 24.92 -29.24
N ARG C 172 25.23 26.15 -28.72
CA ARG C 172 24.01 26.85 -28.40
C ARG C 172 23.26 27.33 -29.63
N ILE C 173 23.93 27.52 -30.76
CA ILE C 173 23.21 27.87 -31.98
C ILE C 173 22.43 26.67 -32.48
N MET C 174 22.97 25.46 -32.31
CA MET C 174 22.17 24.28 -32.64
C MET C 174 20.99 24.14 -31.69
N GLU C 175 21.24 24.31 -30.39
CA GLU C 175 20.16 24.16 -29.42
C GLU C 175 19.03 25.16 -29.66
N GLN C 176 19.38 26.42 -29.90
CA GLN C 176 18.37 27.45 -30.10
C GLN C 176 17.58 27.28 -31.40
N MET C 177 18.22 26.84 -32.48
CA MET C 177 17.46 26.59 -33.69
C MET C 177 16.58 25.34 -33.60
N TYR C 178 17.01 24.30 -32.88
CA TYR C 178 16.07 23.21 -32.63
C TYR C 178 14.89 23.68 -31.77
N ALA C 179 15.17 24.53 -30.79
CA ALA C 179 14.09 25.10 -30.00
C ALA C 179 13.14 25.88 -30.88
N ILE C 180 13.66 26.70 -31.79
CA ILE C 180 12.83 27.39 -32.76
C ILE C 180 11.96 26.41 -33.51
N PHE C 181 12.53 25.30 -33.99
CA PHE C 181 11.75 24.37 -34.78
C PHE C 181 10.60 23.79 -33.97
N TYR C 182 10.87 23.07 -32.88
CA TYR C 182 9.77 22.36 -32.25
C TYR C 182 8.78 23.36 -31.64
N THR C 183 9.30 24.48 -31.13
CA THR C 183 8.45 25.46 -30.47
C THR C 183 7.54 26.19 -31.46
N GLY C 184 8.04 26.51 -32.66
CA GLY C 184 7.17 27.11 -33.66
C GLY C 184 6.29 26.09 -34.35
N VAL C 185 6.54 24.81 -34.11
CA VAL C 185 5.57 23.80 -34.53
C VAL C 185 4.45 23.67 -33.50
N SER C 186 4.80 23.70 -32.21
CA SER C 186 3.81 23.49 -31.17
C SER C 186 3.03 24.74 -30.80
N GLY C 187 3.49 25.92 -31.21
CA GLY C 187 2.75 27.14 -30.92
C GLY C 187 1.48 27.27 -31.75
N PRO C 188 1.64 27.36 -33.07
CA PRO C 188 0.47 27.45 -33.95
C PRO C 188 -0.51 26.30 -33.82
N PHE C 189 -0.04 25.08 -33.52
CA PHE C 189 -0.98 23.99 -33.31
C PHE C 189 -1.81 24.21 -32.05
N GLY C 190 -1.21 24.70 -30.98
CA GLY C 190 -1.98 25.04 -29.79
C GLY C 190 -2.97 26.16 -30.05
N ILE C 191 -2.54 27.19 -30.79
CA ILE C 191 -3.47 28.26 -31.14
C ILE C 191 -4.62 27.76 -32.00
N TYR C 192 -4.36 26.89 -32.98
CA TYR C 192 -5.44 26.32 -33.77
C TYR C 192 -6.38 25.51 -32.92
N CYS C 193 -5.84 24.70 -32.01
CA CYS C 193 -6.70 23.90 -31.12
C CYS C 193 -7.59 24.80 -30.28
N MET C 194 -7.06 25.92 -29.82
CA MET C 194 -7.89 26.87 -29.07
C MET C 194 -8.83 27.66 -29.97
N TYR C 195 -8.58 27.69 -31.29
CA TYR C 195 -9.38 28.51 -32.18
C TYR C 195 -10.76 27.89 -32.37
N HIS C 196 -10.81 26.67 -32.88
CA HIS C 196 -12.08 26.01 -33.10
C HIS C 196 -12.58 25.39 -31.81
N SER C 197 -12.65 26.21 -30.76
CA SER C 197 -13.18 25.78 -29.48
C SER C 197 -13.82 26.99 -28.82
N ASP C 198 -14.56 26.77 -27.75
CA ASP C 198 -15.23 27.84 -27.03
C ASP C 198 -14.29 28.62 -26.12
N LEU C 199 -12.99 28.36 -26.22
CA LEU C 199 -11.98 29.06 -25.44
C LEU C 199 -11.38 30.27 -26.16
N TRP C 200 -11.91 30.64 -27.32
CA TRP C 200 -11.21 31.51 -28.26
C TRP C 200 -10.71 32.81 -27.64
N PHE C 201 -9.44 33.13 -27.92
CA PHE C 201 -8.69 34.18 -27.25
C PHE C 201 -8.85 34.12 -25.73
N PHE C 202 -8.46 32.98 -25.15
CA PHE C 202 -8.33 32.85 -23.70
C PHE C 202 -9.62 33.24 -22.99
N ASN C 203 -10.69 32.51 -23.24
CA ASN C 203 -11.98 32.73 -22.59
C ASN C 203 -11.96 31.94 -21.29
N THR C 204 -11.89 32.66 -20.17
CA THR C 204 -11.74 32.04 -18.86
C THR C 204 -13.00 31.38 -18.34
N LYS C 205 -14.14 31.46 -19.02
CA LYS C 205 -15.35 30.80 -18.57
C LYS C 205 -15.57 29.44 -19.22
N ALA C 206 -15.09 29.24 -20.44
CA ALA C 206 -15.18 27.93 -21.08
C ALA C 206 -14.24 26.93 -20.41
N MET C 207 -13.32 27.42 -19.60
CA MET C 207 -12.40 26.60 -18.83
C MET C 207 -13.18 25.79 -17.80
N TYR C 208 -14.21 26.39 -17.21
CA TYR C 208 -14.95 25.80 -16.11
C TYR C 208 -16.43 25.54 -16.39
N ARG C 209 -16.94 25.93 -17.56
CA ARG C 209 -18.35 25.73 -17.84
C ARG C 209 -18.75 24.26 -17.68
N THR C 210 -18.20 23.40 -18.51
CA THR C 210 -18.43 21.95 -18.41
C THR C 210 -17.15 21.32 -17.90
N TYR C 211 -17.02 21.23 -16.58
CA TYR C 211 -15.73 20.86 -16.01
C TYR C 211 -15.31 19.42 -16.30
N PRO C 212 -16.05 18.39 -15.84
CA PRO C 212 -15.41 17.07 -15.65
C PRO C 212 -14.69 16.53 -16.87
N ASP C 213 -15.10 16.96 -18.07
CA ASP C 213 -14.34 16.73 -19.31
C ASP C 213 -13.67 15.36 -19.39
N PHE C 214 -14.43 14.29 -19.20
CA PHE C 214 -13.85 12.96 -19.37
C PHE C 214 -13.42 12.70 -20.80
N THR C 215 -13.90 13.51 -21.75
CA THR C 215 -13.70 13.27 -23.17
C THR C 215 -13.02 14.48 -23.78
N ASN C 216 -11.96 14.26 -24.54
CA ASN C 216 -11.24 15.32 -25.23
C ASN C 216 -11.26 15.09 -26.73
N PRO C 217 -11.29 16.15 -27.52
CA PRO C 217 -11.27 16.00 -28.98
C PRO C 217 -9.98 15.37 -29.46
N PHE C 218 -9.94 15.07 -30.76
CA PHE C 218 -8.79 14.38 -31.33
C PHE C 218 -7.54 15.23 -31.32
N LEU C 219 -7.61 16.42 -31.92
CA LEU C 219 -6.45 17.31 -31.95
C LEU C 219 -6.03 17.72 -30.56
N PHE C 220 -6.99 17.95 -29.67
CA PHE C 220 -6.71 18.41 -28.32
C PHE C 220 -6.04 17.32 -27.48
N LYS C 221 -6.55 16.08 -27.57
CA LYS C 221 -5.89 14.95 -26.90
C LYS C 221 -4.50 14.68 -27.46
N VAL C 222 -4.35 14.71 -28.79
CA VAL C 222 -3.04 14.42 -29.35
C VAL C 222 -2.07 15.56 -29.01
N PHE C 223 -2.57 16.79 -28.89
CA PHE C 223 -1.72 17.89 -28.45
C PHE C 223 -1.20 17.67 -27.04
N TYR C 224 -2.08 17.19 -26.16
CA TYR C 224 -1.72 16.93 -24.78
C TYR C 224 -0.73 15.78 -24.62
N LEU C 225 -0.93 14.72 -25.40
CA LEU C 225 -0.03 13.57 -25.30
C LEU C 225 1.27 13.75 -26.06
N GLY C 226 1.31 14.55 -27.13
CA GLY C 226 2.57 14.92 -27.74
C GLY C 226 3.43 15.80 -26.85
N GLN C 227 2.81 16.76 -26.15
CA GLN C 227 3.56 17.55 -25.17
C GLN C 227 4.13 16.68 -24.08
N ALA C 228 3.32 15.73 -23.58
CA ALA C 228 3.81 14.82 -22.55
C ALA C 228 4.98 13.99 -23.02
N ALA C 229 4.89 13.42 -24.22
CA ALA C 229 6.00 12.63 -24.75
C ALA C 229 7.25 13.47 -24.93
N PHE C 230 7.09 14.67 -25.51
CA PHE C 230 8.25 15.53 -25.76
C PHE C 230 8.95 15.91 -24.46
N TRP C 231 8.21 16.44 -23.49
CA TRP C 231 8.86 16.86 -22.26
C TRP C 231 9.35 15.70 -21.42
N ALA C 232 8.70 14.54 -21.47
CA ALA C 232 9.24 13.38 -20.79
C ALA C 232 10.56 12.94 -21.41
N GLN C 233 10.67 12.97 -22.74
CA GLN C 233 11.94 12.64 -23.38
C GLN C 233 13.03 13.63 -23.01
N GLN C 234 12.68 14.93 -22.97
CA GLN C 234 13.63 15.93 -22.49
C GLN C 234 14.11 15.60 -21.08
N ALA C 235 13.17 15.32 -20.18
CA ALA C 235 13.53 15.06 -18.80
C ALA C 235 14.32 13.77 -18.62
N CYS C 236 14.11 12.78 -19.49
CA CYS C 236 14.85 11.53 -19.32
C CYS C 236 16.26 11.64 -19.91
N ILE C 237 16.45 12.47 -20.93
CA ILE C 237 17.82 12.68 -21.40
C ILE C 237 18.50 13.71 -20.53
N LEU C 238 17.74 14.38 -19.67
CA LEU C 238 18.32 15.22 -18.63
C LEU C 238 18.90 14.41 -17.47
N VAL C 239 18.42 13.19 -17.26
CA VAL C 239 18.82 12.42 -16.09
C VAL C 239 19.73 11.28 -16.56
N LEU C 240 19.74 11.03 -17.87
CA LEU C 240 20.71 10.12 -18.48
C LEU C 240 21.77 11.03 -19.09
N GLN C 241 22.73 11.44 -18.28
CA GLN C 241 23.75 12.38 -18.72
C GLN C 241 24.66 11.70 -19.73
N LEU C 242 24.47 12.02 -21.01
CA LEU C 242 25.39 11.53 -22.04
C LEU C 242 26.67 12.35 -22.02
N GLU C 243 26.54 13.67 -22.22
CA GLU C 243 27.66 14.60 -22.12
C GLU C 243 27.12 15.92 -21.62
N LYS C 244 27.91 17.00 -21.84
CA LYS C 244 27.61 18.37 -21.45
C LYS C 244 27.09 18.42 -20.01
N PRO C 245 27.99 18.23 -19.02
CA PRO C 245 27.56 17.98 -17.64
C PRO C 245 26.64 19.02 -17.01
N ARG C 246 27.08 20.28 -16.91
CA ARG C 246 26.36 21.23 -16.08
C ARG C 246 26.45 22.65 -16.62
N LYS C 247 25.25 23.17 -16.90
CA LYS C 247 25.02 24.54 -17.39
C LYS C 247 23.52 24.94 -17.36
N ASP C 248 23.08 25.71 -16.35
CA ASP C 248 21.69 26.15 -16.25
C ASP C 248 20.76 25.06 -15.74
N HIS C 249 21.30 23.92 -15.32
CA HIS C 249 20.48 22.77 -14.98
C HIS C 249 19.60 22.93 -13.74
N ASN C 250 19.83 23.94 -12.90
CA ASN C 250 18.89 24.15 -11.81
C ASN C 250 17.57 24.71 -12.30
N GLU C 251 17.61 25.83 -13.02
CA GLU C 251 16.41 26.35 -13.66
C GLU C 251 15.83 25.36 -14.64
N LEU C 252 16.69 24.68 -15.39
CA LEU C 252 16.25 23.68 -16.35
C LEU C 252 15.52 22.51 -15.70
N THR C 253 16.04 21.98 -14.58
CA THR C 253 15.38 20.85 -13.95
C THR C 253 14.08 21.29 -13.29
N PHE C 254 14.05 22.49 -12.72
CA PHE C 254 12.79 22.98 -12.17
C PHE C 254 11.75 23.12 -13.28
N HIS C 255 12.14 23.69 -14.41
CA HIS C 255 11.24 23.79 -15.55
C HIS C 255 10.75 22.44 -16.02
N HIS C 256 11.66 21.48 -16.22
CA HIS C 256 11.23 20.19 -16.75
C HIS C 256 10.31 19.46 -15.79
N ILE C 257 10.66 19.41 -14.50
CA ILE C 257 9.82 18.72 -13.54
C ILE C 257 8.46 19.39 -13.42
N VAL C 258 8.43 20.72 -13.35
CA VAL C 258 7.15 21.40 -13.22
C VAL C 258 6.30 21.21 -14.47
N THR C 259 6.90 21.33 -15.66
CA THR C 259 6.15 21.11 -16.89
C THR C 259 5.57 19.71 -16.97
N LEU C 260 6.36 18.70 -16.63
CA LEU C 260 5.88 17.33 -16.72
C LEU C 260 4.80 17.04 -15.68
N LEU C 261 4.97 17.51 -14.45
CA LEU C 261 3.92 17.36 -13.45
C LEU C 261 2.63 18.08 -13.83
N LEU C 262 2.72 19.30 -14.36
CA LEU C 262 1.50 20.00 -14.78
C LEU C 262 0.81 19.28 -15.93
N ILE C 263 1.57 18.81 -16.92
CA ILE C 263 0.92 18.07 -18.01
C ILE C 263 0.21 16.83 -17.48
N TRP C 264 0.91 16.02 -16.68
CA TRP C 264 0.33 14.78 -16.19
C TRP C 264 -0.88 15.04 -15.29
N SER C 265 -0.76 15.98 -14.36
CA SER C 265 -1.85 16.22 -13.41
C SER C 265 -3.02 16.97 -14.03
N SER C 266 -2.75 17.66 -15.14
CA SER C 266 -3.80 18.38 -15.86
C SER C 266 -4.61 17.39 -16.68
N TYR C 267 -3.94 16.41 -17.28
CA TYR C 267 -4.61 15.39 -18.06
C TYR C 267 -5.38 14.41 -17.18
N VAL C 268 -4.71 13.90 -16.14
CA VAL C 268 -5.31 12.87 -15.30
C VAL C 268 -6.54 13.39 -14.57
N PHE C 269 -6.49 14.61 -14.04
CA PHE C 269 -7.56 15.15 -13.20
C PHE C 269 -8.51 16.03 -13.99
N HIS C 270 -8.54 15.90 -15.31
CA HIS C 270 -9.53 16.50 -16.20
C HIS C 270 -9.43 18.01 -16.33
N PHE C 271 -8.36 18.63 -15.84
CA PHE C 271 -8.18 20.07 -15.96
C PHE C 271 -7.43 20.40 -17.24
N THR C 272 -8.13 20.16 -18.34
CA THR C 272 -7.55 19.88 -19.64
C THR C 272 -7.70 21.08 -20.58
N LYS C 273 -8.92 21.59 -20.72
CA LYS C 273 -9.19 22.90 -21.28
C LYS C 273 -8.53 24.02 -20.50
N MET C 274 -8.19 23.78 -19.24
CA MET C 274 -7.32 24.69 -18.50
C MET C 274 -5.88 24.57 -18.97
N GLY C 275 -5.50 23.41 -19.47
CA GLY C 275 -4.11 23.20 -19.89
C GLY C 275 -3.77 23.81 -21.22
N LEU C 276 -4.72 23.83 -22.17
CA LEU C 276 -4.38 24.37 -23.49
C LEU C 276 -3.87 25.81 -23.46
N PRO C 277 -4.57 26.79 -22.86
CA PRO C 277 -4.10 28.18 -22.96
C PRO C 277 -2.72 28.41 -22.37
N ILE C 278 -2.36 27.68 -21.32
CA ILE C 278 -1.07 27.92 -20.66
C ILE C 278 0.09 27.44 -21.53
N TYR C 279 0.09 26.33 -22.23
CA TYR C 279 1.32 26.35 -23.02
C TYR C 279 1.12 27.21 -24.22
N ILE C 280 -0.08 27.28 -24.79
CA ILE C 280 -0.04 28.17 -25.96
C ILE C 280 0.93 29.33 -25.70
N THR C 281 0.82 29.97 -24.54
CA THR C 281 1.66 31.11 -24.22
C THR C 281 3.13 30.71 -24.15
N MET C 282 3.43 29.61 -23.44
CA MET C 282 4.82 29.19 -23.32
C MET C 282 5.43 28.90 -24.68
N ASP C 283 4.70 28.20 -25.54
CA ASP C 283 5.27 27.87 -26.84
C ASP C 283 5.48 29.10 -27.72
N VAL C 284 4.49 29.98 -27.87
CA VAL C 284 4.76 31.09 -28.77
C VAL C 284 5.82 32.06 -28.18
N SER C 285 5.83 32.26 -26.86
CA SER C 285 6.86 33.09 -26.27
C SER C 285 8.26 32.47 -26.45
N ASP C 286 8.38 31.16 -26.27
CA ASP C 286 9.67 30.51 -26.48
C ASP C 286 10.11 30.59 -27.93
N PHE C 287 9.16 30.52 -28.87
CA PHE C 287 9.51 30.71 -30.27
C PHE C 287 10.17 32.07 -30.48
N LEU C 288 9.55 33.13 -29.94
CA LEU C 288 10.13 34.46 -30.12
C LEU C 288 11.49 34.58 -29.42
N LEU C 289 11.61 34.04 -28.21
CA LEU C 289 12.87 34.11 -27.49
C LEU C 289 14.00 33.40 -28.25
N SER C 290 13.76 32.18 -28.69
CA SER C 290 14.76 31.44 -29.43
C SER C 290 15.11 32.09 -30.76
N PHE C 291 14.13 32.71 -31.42
CA PHE C 291 14.43 33.47 -32.64
C PHE C 291 15.38 34.62 -32.34
N SER C 292 15.13 35.33 -31.23
CA SER C 292 16.01 36.44 -30.86
C SER C 292 17.43 35.96 -30.57
N LYS C 293 17.56 34.85 -29.85
CA LYS C 293 18.90 34.36 -29.53
C LYS C 293 19.61 33.82 -30.76
N THR C 294 18.87 33.20 -31.68
CA THR C 294 19.47 32.77 -32.93
C THR C 294 20.00 33.94 -33.73
N LEU C 295 19.20 35.01 -33.86
CA LEU C 295 19.72 36.18 -34.56
C LEU C 295 20.81 36.90 -33.78
N ASN C 296 20.91 36.67 -32.48
CA ASN C 296 22.08 37.13 -31.74
C ASN C 296 23.33 36.39 -32.21
N TYR C 297 23.23 35.06 -32.21
CA TYR C 297 24.34 34.21 -32.64
C TYR C 297 24.76 34.65 -34.04
N LEU C 298 23.88 34.45 -35.00
CA LEU C 298 24.18 34.85 -36.38
C LEU C 298 24.14 36.36 -36.45
N ASP C 299 25.25 37.02 -36.12
CA ASP C 299 25.30 38.47 -36.02
C ASP C 299 24.71 39.14 -37.26
N SER C 300 23.60 39.86 -37.08
CA SER C 300 22.86 40.43 -38.20
C SER C 300 22.55 41.91 -38.01
N GLY C 301 22.47 42.39 -36.78
CA GLY C 301 22.08 43.75 -36.50
C GLY C 301 20.59 43.97 -36.40
N LEU C 302 19.79 43.02 -36.86
CA LEU C 302 18.35 43.02 -36.68
C LEU C 302 17.96 42.32 -35.39
N ALA C 303 18.94 41.86 -34.62
CA ALA C 303 18.67 41.06 -33.42
C ALA C 303 17.94 41.87 -32.36
N PHE C 304 18.29 43.14 -32.20
CA PHE C 304 17.65 43.96 -31.17
C PHE C 304 16.18 44.20 -31.48
N PHE C 305 15.82 44.33 -32.75
CA PHE C 305 14.41 44.45 -33.12
C PHE C 305 13.63 43.21 -32.70
N SER C 306 14.19 42.02 -33.00
CA SER C 306 13.55 40.78 -32.62
C SER C 306 13.48 40.63 -31.10
N PHE C 307 14.49 41.10 -30.38
CA PHE C 307 14.47 41.06 -28.93
C PHE C 307 13.45 42.01 -28.32
N ALA C 308 13.24 43.18 -28.92
CA ALA C 308 12.17 44.06 -28.45
C ALA C 308 10.80 43.45 -28.70
N ILE C 309 10.60 42.88 -29.89
CA ILE C 309 9.36 42.17 -30.15
C ILE C 309 9.17 41.04 -29.14
N PHE C 310 10.25 40.31 -28.86
CA PHE C 310 10.18 39.23 -27.88
C PHE C 310 9.79 39.75 -26.51
N VAL C 311 10.39 40.87 -26.07
CA VAL C 311 10.12 41.34 -24.72
C VAL C 311 8.68 41.82 -24.59
N VAL C 312 8.16 42.47 -25.63
CA VAL C 312 6.76 42.88 -25.53
C VAL C 312 5.84 41.67 -25.57
N ALA C 313 6.17 40.65 -26.37
CA ALA C 313 5.33 39.46 -26.41
C ALA C 313 5.41 38.67 -25.11
N TRP C 314 6.58 38.60 -24.50
CA TRP C 314 6.73 37.97 -23.20
C TRP C 314 5.89 38.68 -22.16
N ILE C 315 6.02 40.01 -22.07
CA ILE C 315 5.26 40.79 -21.11
C ILE C 315 3.76 40.59 -21.33
N TYR C 316 3.31 40.56 -22.58
CA TYR C 316 1.90 40.31 -22.82
C TYR C 316 1.51 38.90 -22.41
N LEU C 317 2.04 37.90 -23.10
CA LEU C 317 1.61 36.52 -22.88
C LEU C 317 1.91 36.02 -21.49
N ARG C 318 3.19 35.81 -21.16
CA ARG C 318 3.52 35.02 -19.99
C ARG C 318 3.17 35.72 -18.70
N HIS C 319 2.90 37.02 -18.77
CA HIS C 319 2.49 37.72 -17.56
C HIS C 319 1.02 38.08 -17.56
N TYR C 320 0.56 38.84 -18.55
CA TYR C 320 -0.83 39.23 -18.52
C TYR C 320 -1.77 38.04 -18.68
N ILE C 321 -1.49 37.12 -19.62
CA ILE C 321 -2.43 36.02 -19.83
C ILE C 321 -2.41 35.05 -18.65
N ASN C 322 -1.24 34.72 -18.11
CA ASN C 322 -1.20 33.85 -16.95
C ASN C 322 -1.73 34.49 -15.68
N LEU C 323 -1.54 35.80 -15.50
CA LEU C 323 -2.19 36.49 -14.39
C LEU C 323 -3.70 36.46 -14.54
N LYS C 324 -4.19 36.66 -15.76
CA LYS C 324 -5.62 36.54 -16.01
C LYS C 324 -6.11 35.13 -15.72
N ILE C 325 -5.30 34.11 -16.03
CA ILE C 325 -5.70 32.73 -15.81
C ILE C 325 -5.73 32.39 -14.33
N LEU C 326 -4.78 32.92 -13.57
CA LEU C 326 -4.72 32.72 -12.14
C LEU C 326 -5.96 33.37 -11.55
N TRP C 327 -6.16 34.65 -11.87
CA TRP C 327 -7.34 35.37 -11.40
C TRP C 327 -8.61 34.61 -11.75
N SER C 328 -8.64 34.02 -12.94
CA SER C 328 -9.73 33.18 -13.39
C SER C 328 -9.93 32.02 -12.44
N VAL C 329 -8.84 31.36 -12.05
CA VAL C 329 -8.92 30.29 -11.06
C VAL C 329 -9.61 30.87 -9.83
N LEU C 330 -8.98 31.86 -9.20
CA LEU C 330 -9.45 32.39 -7.93
C LEU C 330 -10.92 32.80 -7.94
N THR C 331 -11.39 33.40 -9.03
CA THR C 331 -12.76 33.89 -9.05
C THR C 331 -13.73 32.90 -9.69
N GLN C 332 -13.53 32.57 -10.96
CA GLN C 332 -14.46 31.76 -11.72
C GLN C 332 -14.25 30.26 -11.57
N PHE C 333 -13.38 29.82 -10.65
CA PHE C 333 -13.26 28.39 -10.41
C PHE C 333 -14.44 27.94 -9.57
N ARG C 334 -14.89 28.80 -8.65
CA ARG C 334 -16.07 28.59 -7.85
C ARG C 334 -17.34 28.94 -8.63
N THR C 335 -17.37 30.15 -9.17
CA THR C 335 -18.57 30.75 -9.74
C THR C 335 -19.10 29.99 -10.94
N GLU C 336 -18.21 29.45 -11.76
CA GLU C 336 -18.59 28.85 -13.04
C GLU C 336 -18.67 27.33 -12.91
N GLY C 337 -19.75 26.76 -13.41
CA GLY C 337 -19.85 25.32 -13.56
C GLY C 337 -20.23 24.62 -12.24
N ASN C 338 -19.53 23.53 -11.95
CA ASN C 338 -19.87 22.65 -10.83
C ASN C 338 -18.82 22.81 -9.74
N TYR C 339 -19.27 23.07 -8.52
CA TYR C 339 -18.33 23.29 -7.42
C TYR C 339 -18.69 22.50 -6.17
N VAL C 340 -19.48 21.44 -6.30
CA VAL C 340 -19.79 20.55 -5.18
C VAL C 340 -19.04 19.25 -5.42
N LEU C 341 -18.13 18.92 -4.51
CA LEU C 341 -17.31 17.72 -4.65
C LEU C 341 -18.20 16.48 -4.73
N ASN C 342 -17.84 15.57 -5.63
CA ASN C 342 -18.61 14.35 -5.84
C ASN C 342 -17.65 13.29 -6.36
N PHE C 343 -17.25 12.37 -5.49
CA PHE C 343 -16.33 11.32 -5.87
C PHE C 343 -16.98 10.30 -6.80
N ALA C 344 -18.29 10.07 -6.65
CA ALA C 344 -18.97 9.12 -7.52
C ALA C 344 -18.99 9.60 -8.96
N THR C 345 -19.40 10.84 -9.17
CA THR C 345 -19.42 11.48 -10.48
C THR C 345 -18.02 11.73 -11.00
N GLN C 346 -17.01 11.67 -10.13
CA GLN C 346 -15.60 11.84 -10.49
C GLN C 346 -15.34 13.26 -10.98
N GLN C 347 -15.75 14.25 -10.18
CA GLN C 347 -15.46 15.65 -10.48
C GLN C 347 -14.74 16.23 -9.28
N TYR C 348 -13.49 16.67 -9.50
CA TYR C 348 -12.63 17.11 -8.42
C TYR C 348 -12.56 18.63 -8.30
N LYS C 349 -13.32 19.36 -9.10
CA LYS C 349 -13.31 20.81 -9.04
C LYS C 349 -14.04 21.26 -7.79
N CYS C 350 -13.29 21.44 -6.70
CA CYS C 350 -13.86 21.86 -5.43
C CYS C 350 -12.89 22.81 -4.73
N TRP C 351 -13.12 23.07 -3.45
CA TRP C 351 -12.25 23.95 -2.68
C TRP C 351 -10.96 23.25 -2.27
N ILE C 352 -10.87 21.94 -2.48
CA ILE C 352 -9.66 21.20 -2.14
C ILE C 352 -8.63 21.22 -3.27
N SER C 353 -9.07 21.43 -4.52
CA SER C 353 -8.18 21.43 -5.67
C SER C 353 -7.79 22.83 -6.13
N LEU C 354 -8.51 23.84 -5.66
CA LEU C 354 -8.18 25.22 -5.96
C LEU C 354 -6.79 25.56 -5.45
N PRO C 355 -6.44 25.21 -4.19
CA PRO C 355 -5.04 25.37 -3.76
C PRO C 355 -4.04 24.74 -4.72
N ILE C 356 -4.26 23.49 -5.13
CA ILE C 356 -3.28 22.79 -5.96
C ILE C 356 -3.12 23.49 -7.30
N VAL C 357 -4.24 23.83 -7.94
CA VAL C 357 -4.19 24.50 -9.23
C VAL C 357 -3.47 25.84 -9.12
N PHE C 358 -3.84 26.65 -8.12
CA PHE C 358 -3.23 27.95 -7.97
C PHE C 358 -1.74 27.83 -7.67
N VAL C 359 -1.35 26.82 -6.88
CA VAL C 359 0.06 26.64 -6.55
C VAL C 359 0.87 26.28 -7.79
N LEU C 360 0.34 25.40 -8.64
CA LEU C 360 1.08 25.07 -9.87
C LEU C 360 1.20 26.29 -10.78
N ILE C 361 0.11 27.03 -10.96
CA ILE C 361 0.20 28.22 -11.80
C ILE C 361 1.16 29.24 -11.20
N GLY C 362 1.16 29.38 -9.88
CA GLY C 362 2.09 30.26 -9.20
C GLY C 362 3.52 29.85 -9.39
N ALA C 363 3.80 28.54 -9.36
CA ALA C 363 5.15 28.07 -9.61
C ALA C 363 5.64 28.47 -11.00
N LEU C 364 4.78 28.25 -12.01
CA LEU C 364 5.14 28.68 -13.36
C LEU C 364 5.38 30.19 -13.40
N GLN C 365 4.54 30.95 -12.70
CA GLN C 365 4.68 32.40 -12.75
C GLN C 365 5.95 32.87 -12.04
N LEU C 366 6.34 32.20 -10.95
CA LEU C 366 7.59 32.56 -10.28
C LEU C 366 8.78 32.32 -11.20
N VAL C 367 8.77 31.19 -11.92
CA VAL C 367 9.86 30.95 -12.86
C VAL C 367 9.90 32.03 -13.92
N ASN C 368 8.75 32.40 -14.47
CA ASN C 368 8.73 33.44 -15.49
C ASN C 368 9.09 34.82 -14.91
N LEU C 369 8.85 35.03 -13.62
CA LEU C 369 9.25 36.29 -12.99
C LEU C 369 10.76 36.39 -12.88
N TYR C 370 11.40 35.32 -12.42
CA TYR C 370 12.86 35.32 -12.42
C TYR C 370 13.40 35.54 -13.84
N TRP C 371 12.74 34.94 -14.83
CA TRP C 371 13.23 35.10 -16.19
C TRP C 371 13.04 36.50 -16.73
N LEU C 372 11.99 37.25 -16.37
CA LEU C 372 12.00 38.61 -16.92
C LEU C 372 12.91 39.52 -16.10
N PHE C 373 13.17 39.20 -14.83
CA PHE C 373 14.26 39.91 -14.16
C PHE C 373 15.55 39.77 -14.94
N LEU C 374 15.87 38.55 -15.38
CA LEU C 374 17.03 38.35 -16.24
C LEU C 374 16.91 39.13 -17.55
N ILE C 375 15.76 39.07 -18.21
CA ILE C 375 15.57 39.78 -19.48
C ILE C 375 15.84 41.26 -19.31
N PHE C 376 15.28 41.89 -18.28
CA PHE C 376 15.40 43.33 -18.13
C PHE C 376 16.79 43.74 -17.64
N ARG C 377 17.47 42.85 -16.93
CA ARG C 377 18.84 43.11 -16.50
C ARG C 377 19.68 43.22 -17.76
N VAL C 378 19.54 42.23 -18.65
CA VAL C 378 20.26 42.23 -19.93
C VAL C 378 19.85 43.43 -20.77
N LEU C 379 18.56 43.75 -20.75
CA LEU C 379 18.04 44.83 -21.57
C LEU C 379 18.67 46.17 -21.21
N TYR C 380 18.73 46.50 -19.92
CA TYR C 380 19.27 47.82 -19.60
C TYR C 380 20.78 47.85 -19.74
N ARG C 381 21.46 46.76 -19.38
CA ARG C 381 22.92 46.75 -19.56
C ARG C 381 23.29 46.93 -21.02
N ILE C 382 22.60 46.22 -21.93
CA ILE C 382 22.85 46.45 -23.36
C ILE C 382 22.38 47.83 -23.80
N LEU C 383 21.32 48.36 -23.19
CA LEU C 383 20.81 49.66 -23.60
C LEU C 383 21.84 50.76 -23.38
N TRP C 384 22.53 50.74 -22.23
CA TRP C 384 23.58 51.75 -22.09
C TRP C 384 24.97 51.22 -22.43
N ARG C 385 25.08 50.01 -22.97
CA ARG C 385 26.36 49.53 -23.50
C ARG C 385 26.35 49.60 -25.02
N PRO D 18 26.73 7.76 -19.29
CA PRO D 18 25.34 7.28 -19.38
C PRO D 18 24.91 6.51 -18.15
N LYS D 19 24.57 7.24 -17.07
CA LYS D 19 24.13 6.59 -15.84
C LYS D 19 22.70 6.08 -15.99
N ILE D 20 22.55 4.89 -16.55
CA ILE D 20 21.25 4.30 -16.86
C ILE D 20 20.40 4.13 -15.61
N PHE D 21 21.00 3.63 -14.53
CA PHE D 21 20.23 3.30 -13.34
C PHE D 21 19.55 4.50 -12.71
N ASN D 22 20.16 5.68 -12.76
CA ASN D 22 19.49 6.88 -12.26
C ASN D 22 18.19 7.12 -13.02
N LEU D 23 18.28 7.08 -14.35
CA LEU D 23 17.07 7.11 -15.18
C LEU D 23 16.08 6.06 -14.70
N PHE D 24 16.49 4.79 -14.72
CA PHE D 24 15.59 3.68 -14.40
C PHE D 24 14.84 3.91 -13.09
N ARG D 25 15.53 4.36 -12.05
CA ARG D 25 14.85 4.59 -10.79
C ARG D 25 13.89 5.79 -10.88
N VAL D 26 14.28 6.83 -11.61
CA VAL D 26 13.39 8.00 -11.75
C VAL D 26 12.13 7.61 -12.51
N CYS D 27 12.28 6.89 -13.63
CA CYS D 27 11.12 6.49 -14.40
C CYS D 27 10.25 5.50 -13.63
N PHE D 28 10.88 4.58 -12.90
CA PHE D 28 10.12 3.61 -12.12
C PHE D 28 9.37 4.26 -10.97
N ILE D 29 9.89 5.36 -10.40
CA ILE D 29 9.10 6.05 -9.39
C ILE D 29 8.05 6.94 -10.02
N SER D 30 8.28 7.46 -11.23
CA SER D 30 7.25 8.22 -11.92
C SER D 30 6.05 7.34 -12.23
N LEU D 31 6.29 6.15 -12.77
CA LEU D 31 5.22 5.20 -13.01
C LEU D 31 4.53 4.80 -11.72
N LEU D 32 5.28 4.75 -10.61
CA LEU D 32 4.67 4.46 -9.32
C LEU D 32 3.73 5.55 -8.85
N LEU D 33 4.09 6.84 -9.02
CA LEU D 33 3.13 7.91 -8.76
C LEU D 33 1.93 7.83 -9.70
N ILE D 34 2.15 7.52 -10.97
CA ILE D 34 1.03 7.40 -11.91
C ILE D 34 0.04 6.34 -11.42
N ALA D 35 0.54 5.16 -11.10
CA ALA D 35 -0.31 4.08 -10.60
C ALA D 35 -0.96 4.44 -9.28
N ALA D 36 -0.23 5.10 -8.37
CA ALA D 36 -0.81 5.46 -7.09
C ALA D 36 -1.96 6.43 -7.26
N VAL D 37 -1.82 7.43 -8.13
CA VAL D 37 -2.89 8.41 -8.28
C VAL D 37 -4.08 7.79 -9.03
N GLU D 38 -3.81 6.87 -9.98
CA GLU D 38 -4.94 6.21 -10.62
C GLU D 38 -5.69 5.32 -9.65
N TYR D 39 -4.98 4.64 -8.75
CA TYR D 39 -5.67 3.90 -7.71
C TYR D 39 -6.44 4.82 -6.78
N PHE D 40 -5.89 6.00 -6.49
CA PHE D 40 -6.63 6.99 -5.72
C PHE D 40 -7.97 7.30 -6.38
N LYS D 41 -7.94 7.62 -7.67
CA LYS D 41 -9.17 7.93 -8.39
C LYS D 41 -10.15 6.77 -8.35
N TYR D 42 -9.68 5.56 -8.69
CA TYR D 42 -10.56 4.41 -8.74
C TYR D 42 -11.16 4.11 -7.37
N GLY D 43 -10.32 4.03 -6.35
CA GLY D 43 -10.81 3.71 -5.01
C GLY D 43 -11.80 4.74 -4.50
N THR D 44 -11.46 6.02 -4.61
CA THR D 44 -12.40 7.05 -4.16
C THR D 44 -13.69 7.05 -4.97
N ARG D 45 -13.67 6.53 -6.20
CA ARG D 45 -14.91 6.41 -6.94
C ARG D 45 -15.77 5.25 -6.45
N ILE D 46 -15.18 4.05 -6.35
CA ILE D 46 -16.00 2.87 -6.12
C ILE D 46 -16.61 2.87 -4.73
N ASN D 47 -15.91 3.41 -3.74
CA ASN D 47 -16.45 3.40 -2.39
C ASN D 47 -16.46 4.82 -1.82
N TYR D 48 -17.02 5.74 -2.61
CA TYR D 48 -17.15 7.15 -2.27
C TYR D 48 -17.99 7.38 -1.02
N GLU D 49 -18.87 6.46 -0.66
CA GLU D 49 -19.78 6.64 0.46
C GLU D 49 -19.06 6.77 1.79
N TRP D 50 -17.80 6.35 1.88
CA TRP D 50 -17.00 6.61 3.05
C TRP D 50 -16.59 8.07 3.17
N PHE D 51 -16.61 8.80 2.06
CA PHE D 51 -16.25 10.22 2.02
C PHE D 51 -17.46 11.13 2.20
N HIS D 52 -18.57 10.81 1.54
CA HIS D 52 -19.71 11.72 1.53
C HIS D 52 -20.74 11.35 2.59
N CYS D 53 -20.93 10.06 2.83
CA CYS D 53 -21.99 9.60 3.72
C CYS D 53 -21.42 9.18 5.07
N THR D 54 -22.04 9.66 6.14
CA THR D 54 -21.69 9.28 7.50
C THR D 54 -22.91 8.57 8.09
N PRO D 55 -22.75 7.35 8.58
CA PRO D 55 -23.91 6.58 9.01
C PRO D 55 -24.34 6.91 10.43
N ILE D 56 -25.63 7.14 10.64
CA ILE D 56 -26.16 7.46 11.96
C ILE D 56 -26.72 6.19 12.60
N LYS D 57 -26.27 5.89 13.81
CA LYS D 57 -26.81 4.79 14.60
C LYS D 57 -27.80 5.34 15.61
N GLU D 58 -29.03 4.85 15.57
CA GLU D 58 -29.91 5.30 16.63
C GLU D 58 -30.22 4.14 17.58
N PRO D 59 -29.63 4.14 18.76
CA PRO D 59 -30.01 3.16 19.79
C PRO D 59 -31.50 2.96 19.96
N GLN D 60 -31.85 1.79 20.47
CA GLN D 60 -33.23 1.37 20.69
C GLN D 60 -33.24 0.45 21.90
N SER D 61 -34.25 -0.42 21.99
CA SER D 61 -34.31 -1.39 23.08
C SER D 61 -33.23 -2.45 22.88
N GLY D 62 -33.32 -3.55 23.62
CA GLY D 62 -32.18 -4.41 23.93
C GLY D 62 -31.07 -4.57 22.92
N SER D 63 -31.35 -5.00 21.68
CA SER D 63 -30.28 -5.29 20.74
C SER D 63 -30.52 -4.71 19.36
N VAL D 64 -31.52 -3.88 19.18
CA VAL D 64 -31.83 -3.34 17.85
C VAL D 64 -31.38 -1.88 17.78
N ILE D 65 -31.09 -1.43 16.57
CA ILE D 65 -30.74 -0.05 16.29
C ILE D 65 -31.42 0.36 14.99
N LYS D 66 -31.40 1.66 14.71
CA LYS D 66 -31.96 2.22 13.48
C LYS D 66 -30.84 2.87 12.70
N LEU D 67 -30.76 2.56 11.41
CA LEU D 67 -29.68 3.05 10.55
C LEU D 67 -30.21 4.09 9.57
N TRP D 68 -29.35 5.05 9.24
CA TRP D 68 -29.47 5.84 8.02
C TRP D 68 -28.18 6.60 7.81
N ALA D 69 -28.16 7.47 6.80
CA ALA D 69 -26.98 8.26 6.47
C ALA D 69 -27.39 9.70 6.20
N ARG D 70 -26.44 10.61 6.35
CA ARG D 70 -26.69 12.01 5.98
C ARG D 70 -25.38 12.60 5.47
N GLY D 71 -25.44 13.20 4.29
CA GLY D 71 -24.31 13.92 3.73
C GLY D 71 -24.77 15.01 2.79
N GLY D 72 -23.88 15.48 1.92
CA GLY D 72 -24.25 16.49 0.96
C GLY D 72 -24.97 15.87 -0.21
N PRO D 73 -25.07 16.60 -1.32
CA PRO D 73 -25.75 16.07 -2.53
C PRO D 73 -25.03 14.89 -3.18
N SER D 74 -23.84 14.53 -2.72
CA SER D 74 -23.13 13.36 -3.21
C SER D 74 -23.48 12.11 -2.41
N CYS D 75 -24.21 12.29 -1.31
CA CYS D 75 -24.80 11.17 -0.57
C CYS D 75 -26.20 10.87 -1.09
N ASP D 76 -26.24 10.31 -2.29
CA ASP D 76 -27.50 9.92 -2.91
C ASP D 76 -28.06 8.68 -2.23
N LYS D 77 -29.14 8.13 -2.80
CA LYS D 77 -29.78 6.98 -2.19
C LYS D 77 -28.87 5.77 -2.11
N ARG D 78 -28.06 5.51 -3.15
CA ARG D 78 -27.20 4.34 -3.06
C ARG D 78 -26.02 4.54 -2.12
N GLY D 79 -25.58 5.79 -1.90
CA GLY D 79 -24.63 6.01 -0.84
C GLY D 79 -25.18 5.60 0.50
N GLU D 80 -26.44 5.95 0.76
CA GLU D 80 -27.11 5.53 1.99
C GLU D 80 -27.28 4.03 2.06
N TYR D 81 -27.69 3.39 0.97
CA TYR D 81 -27.86 1.94 0.99
C TYR D 81 -26.53 1.24 1.23
N LYS D 82 -25.48 1.67 0.54
CA LYS D 82 -24.15 1.08 0.74
C LYS D 82 -23.70 1.21 2.18
N THR D 83 -23.76 2.43 2.74
CA THR D 83 -23.26 2.60 4.09
C THR D 83 -24.13 1.88 5.11
N ILE D 84 -25.44 1.85 4.90
CA ILE D 84 -26.33 1.12 5.81
C ILE D 84 -26.03 -0.37 5.78
N VAL D 85 -25.88 -0.95 4.59
CA VAL D 85 -25.66 -2.39 4.54
C VAL D 85 -24.27 -2.75 5.06
N LYS D 86 -23.26 -1.89 4.86
CA LYS D 86 -21.99 -2.26 5.45
C LYS D 86 -21.99 -2.11 6.96
N ARG D 87 -22.69 -1.12 7.50
CA ARG D 87 -22.84 -1.06 8.96
C ARG D 87 -23.57 -2.29 9.49
N ILE D 88 -24.63 -2.71 8.81
CA ILE D 88 -25.40 -3.87 9.24
C ILE D 88 -24.54 -5.13 9.19
N THR D 89 -23.77 -5.30 8.13
CA THR D 89 -23.07 -6.55 7.90
C THR D 89 -21.72 -6.65 8.61
N ARG D 90 -21.07 -5.54 8.96
CA ARG D 90 -19.84 -5.64 9.74
C ARG D 90 -19.93 -4.92 11.08
N ASP D 91 -21.13 -4.69 11.60
CA ASP D 91 -21.31 -4.38 13.00
C ASP D 91 -21.98 -5.51 13.76
N TYR D 92 -22.38 -6.57 13.07
CA TYR D 92 -23.12 -7.69 13.64
C TYR D 92 -22.44 -8.98 13.20
N GLU D 93 -21.98 -9.76 14.17
CA GLU D 93 -21.37 -11.05 13.85
C GLU D 93 -22.42 -12.14 13.90
N PRO D 94 -22.81 -12.74 12.78
CA PRO D 94 -23.83 -13.79 12.79
C PRO D 94 -23.35 -15.16 13.21
N ASN D 95 -22.04 -15.41 13.16
CA ASN D 95 -21.49 -16.67 13.65
C ASN D 95 -21.68 -16.82 15.15
N ASP D 96 -21.67 -15.73 15.90
CA ASP D 96 -21.98 -15.78 17.33
C ASP D 96 -23.47 -15.95 17.53
N GLU D 97 -24.25 -14.98 17.06
CA GLU D 97 -25.70 -15.08 17.05
C GLU D 97 -26.26 -14.54 15.75
N HIS D 98 -27.31 -15.19 15.26
CA HIS D 98 -27.92 -14.85 13.97
C HIS D 98 -28.74 -13.59 14.16
N LEU D 99 -28.65 -12.68 13.20
CA LEU D 99 -29.36 -11.41 13.26
C LEU D 99 -30.55 -11.43 12.29
N SER D 100 -31.23 -10.29 12.22
CA SER D 100 -32.44 -10.13 11.42
C SER D 100 -32.64 -8.65 11.22
N PHE D 101 -32.81 -8.20 9.98
CA PHE D 101 -32.92 -6.78 9.70
C PHE D 101 -34.01 -6.49 8.67
N CYS D 102 -34.39 -5.22 8.60
CA CYS D 102 -35.41 -4.72 7.69
C CYS D 102 -34.95 -3.37 7.17
N ILE D 103 -35.18 -3.11 5.89
CA ILE D 103 -34.79 -1.84 5.27
C ILE D 103 -36.04 -1.22 4.67
N ILE D 104 -36.33 0.02 5.05
CA ILE D 104 -37.53 0.73 4.60
C ILE D 104 -37.08 1.97 3.85
N GLU D 105 -37.63 2.17 2.66
CA GLU D 105 -37.23 3.27 1.81
C GLU D 105 -38.23 4.42 1.88
N ASN D 106 -37.70 5.64 1.88
CA ASN D 106 -38.53 6.85 1.86
C ASN D 106 -38.93 7.11 0.42
N ASP D 107 -40.19 6.78 0.09
CA ASP D 107 -40.63 6.72 -1.29
C ASP D 107 -41.07 8.06 -1.84
N ASN D 108 -41.06 9.11 -1.04
CA ASN D 108 -41.28 10.44 -1.60
C ASN D 108 -40.14 11.37 -1.17
N VAL D 109 -38.98 11.16 -1.79
CA VAL D 109 -37.82 12.02 -1.69
C VAL D 109 -36.92 11.63 -2.87
N PRO D 110 -36.59 12.55 -3.77
CA PRO D 110 -35.85 12.16 -4.97
C PRO D 110 -34.50 11.58 -4.60
N PRO D 111 -33.92 10.73 -5.45
CA PRO D 111 -32.65 10.07 -5.12
C PRO D 111 -31.58 11.02 -4.61
N VAL D 112 -31.27 12.05 -5.39
CA VAL D 112 -30.35 13.11 -4.98
C VAL D 112 -31.18 14.17 -4.28
N HIS D 113 -31.09 14.21 -2.94
CA HIS D 113 -32.02 15.05 -2.19
C HIS D 113 -31.39 15.78 -1.00
N TYR D 114 -30.07 15.82 -0.89
CA TYR D 114 -29.58 16.45 0.32
C TYR D 114 -29.06 17.86 0.04
N PRO D 115 -29.34 18.81 0.92
CA PRO D 115 -28.78 20.14 0.79
C PRO D 115 -27.35 20.22 1.29
N ILE D 116 -26.61 21.19 0.76
CA ILE D 116 -25.25 21.44 1.21
C ILE D 116 -25.23 21.75 2.70
N HIS D 117 -26.19 22.55 3.17
CA HIS D 117 -26.20 22.97 4.56
C HIS D 117 -26.69 21.87 5.48
N GLU D 118 -26.92 22.18 6.75
CA GLU D 118 -27.19 21.18 7.78
C GLU D 118 -28.66 21.02 8.10
N ASP D 119 -29.56 21.64 7.33
CA ASP D 119 -30.99 21.36 7.43
C ASP D 119 -31.35 20.41 6.30
N LYS D 120 -31.09 19.12 6.53
CA LYS D 120 -31.15 18.15 5.45
C LYS D 120 -32.48 17.42 5.38
N GLY D 121 -33.01 16.99 6.53
CA GLY D 121 -34.33 16.41 6.58
C GLY D 121 -34.32 14.89 6.53
N GLU D 122 -35.42 14.36 5.99
CA GLU D 122 -35.64 12.93 5.97
C GLU D 122 -34.63 12.22 5.06
N PRO D 123 -34.07 11.11 5.53
CA PRO D 123 -33.11 10.35 4.72
C PRO D 123 -33.84 9.57 3.63
N GLY D 124 -33.04 8.95 2.76
CA GLY D 124 -33.60 8.12 1.71
C GLY D 124 -33.97 6.74 2.20
N TYR D 125 -33.14 6.20 3.10
CA TYR D 125 -33.30 4.85 3.62
C TYR D 125 -33.17 4.84 5.13
N VAL D 126 -34.00 4.04 5.78
CA VAL D 126 -33.84 3.71 7.19
C VAL D 126 -33.90 2.19 7.30
N ALA D 127 -33.02 1.62 8.11
CA ALA D 127 -32.97 0.18 8.31
C ALA D 127 -32.94 -0.15 9.79
N TYR D 128 -33.72 -1.17 10.17
CA TYR D 128 -33.74 -1.69 11.53
C TYR D 128 -33.02 -3.03 11.54
N VAL D 129 -32.09 -3.21 12.47
CA VAL D 129 -31.30 -4.44 12.52
C VAL D 129 -31.13 -4.85 13.97
N GLY D 130 -31.26 -6.14 14.24
CA GLY D 130 -31.08 -6.64 15.58
C GLY D 130 -30.76 -8.13 15.60
N TYR D 131 -30.46 -8.66 16.78
CA TYR D 131 -30.14 -10.07 16.96
C TYR D 131 -31.43 -10.86 17.16
N ASP D 132 -31.29 -12.18 17.16
CA ASP D 132 -32.47 -13.05 17.20
C ASP D 132 -32.94 -13.37 18.61
N THR D 133 -32.26 -12.85 19.64
CA THR D 133 -32.88 -12.84 20.97
C THR D 133 -34.15 -12.01 20.93
N ASP D 134 -34.09 -10.86 20.30
CA ASP D 134 -35.24 -9.98 20.13
C ASP D 134 -35.56 -9.78 18.64
N SER D 135 -36.27 -10.74 18.08
CA SER D 135 -36.71 -10.65 16.69
C SER D 135 -38.14 -10.13 16.56
N GLU D 136 -38.99 -10.35 17.56
CA GLU D 136 -40.28 -9.70 17.62
C GLU D 136 -40.16 -8.20 17.78
N LEU D 137 -39.09 -7.70 18.38
CA LEU D 137 -38.85 -6.27 18.42
C LEU D 137 -38.60 -5.71 17.03
N VAL D 138 -37.82 -6.42 16.22
CA VAL D 138 -37.65 -6.04 14.82
C VAL D 138 -38.97 -6.16 14.07
N GLN D 139 -39.78 -7.17 14.42
CA GLN D 139 -41.11 -7.26 13.85
C GLN D 139 -41.92 -5.99 14.14
N GLU D 140 -41.82 -5.48 15.36
CA GLU D 140 -42.57 -4.31 15.75
C GLU D 140 -42.07 -3.06 15.03
N LEU D 141 -40.76 -2.84 15.03
CA LEU D 141 -40.21 -1.61 14.44
C LEU D 141 -40.35 -1.56 12.93
N CYS D 142 -40.20 -2.70 12.26
CA CYS D 142 -40.39 -2.80 10.82
C CYS D 142 -41.84 -3.22 10.60
N ALA D 143 -42.67 -2.27 10.17
CA ALA D 143 -44.12 -2.44 10.20
C ALA D 143 -44.59 -3.60 9.34
N ASP D 144 -44.46 -3.50 8.02
CA ASP D 144 -44.93 -4.53 7.11
C ASP D 144 -43.97 -4.72 5.95
N SER D 145 -42.74 -4.24 6.12
CA SER D 145 -41.74 -4.44 5.08
C SER D 145 -41.12 -5.82 5.22
N THR D 146 -40.55 -6.30 4.12
CA THR D 146 -39.93 -7.63 4.15
C THR D 146 -38.75 -7.62 5.11
N ILE D 147 -38.56 -8.73 5.81
CA ILE D 147 -37.60 -8.82 6.89
C ILE D 147 -36.55 -9.86 6.50
N TYR D 148 -35.31 -9.41 6.42
CA TYR D 148 -34.21 -10.21 5.91
C TYR D 148 -33.48 -10.88 7.05
N HIS D 149 -33.23 -12.17 6.92
CA HIS D 149 -32.55 -12.95 7.93
C HIS D 149 -31.10 -13.13 7.51
N MET D 150 -30.23 -13.40 8.47
CA MET D 150 -28.80 -13.38 8.23
C MET D 150 -28.02 -14.16 9.28
#